data_2MT7
#
_entry.id   2MT7
#
_entity_poly.entity_id   1
_entity_poly.type   'polypeptide(L)'
_entity_poly.pdbx_seq_one_letter_code
;GNDCLGFWSACNPKNDKCCANLVCSSKHKWCKGKL
;
_entity_poly.pdbx_strand_id   A
#
# COMPACT_ATOMS: atom_id res chain seq x y z
N GLY A 1 -14.21 11.42 -3.99
CA GLY A 1 -13.00 12.18 -3.75
C GLY A 1 -11.76 11.31 -3.71
N ASN A 2 -10.99 11.43 -2.63
CA ASN A 2 -9.77 10.65 -2.47
C ASN A 2 -10.08 9.16 -2.46
N ASP A 3 -9.05 8.35 -2.65
CA ASP A 3 -9.21 6.90 -2.65
C ASP A 3 -7.89 6.21 -2.30
N CYS A 4 -7.88 5.50 -1.18
CA CYS A 4 -6.69 4.79 -0.74
C CYS A 4 -7.05 3.43 -0.15
N LEU A 5 -6.04 2.67 0.24
CA LEU A 5 -6.25 1.34 0.82
C LEU A 5 -5.81 1.31 2.28
N GLY A 6 -6.24 0.28 3.00
CA GLY A 6 -5.87 0.15 4.41
C GLY A 6 -4.58 -0.62 4.60
N PHE A 7 -4.47 -1.29 5.74
CA PHE A 7 -3.27 -2.06 6.04
C PHE A 7 -3.39 -3.48 5.49
N TRP A 8 -2.24 -4.08 5.16
CA TRP A 8 -2.21 -5.43 4.62
C TRP A 8 -3.15 -5.55 3.43
N SER A 9 -3.33 -4.45 2.71
CA SER A 9 -4.21 -4.44 1.54
C SER A 9 -3.40 -4.60 0.26
N ALA A 10 -3.75 -5.62 -0.53
CA ALA A 10 -3.06 -5.89 -1.78
C ALA A 10 -2.99 -4.64 -2.65
N CYS A 11 -1.84 -4.43 -3.28
CA CYS A 11 -1.64 -3.26 -4.14
C CYS A 11 -0.58 -3.55 -5.20
N ASN A 12 -0.25 -2.53 -5.98
CA ASN A 12 0.75 -2.66 -7.04
C ASN A 12 2.03 -1.91 -6.68
N PRO A 13 3.18 -2.53 -7.00
CA PRO A 13 4.49 -1.94 -6.72
C PRO A 13 4.78 -0.71 -7.59
N LYS A 14 4.03 -0.59 -8.68
CA LYS A 14 4.20 0.54 -9.60
C LYS A 14 3.19 1.64 -9.30
N ASN A 15 2.11 1.28 -8.62
CA ASN A 15 1.06 2.23 -8.27
C ASN A 15 0.57 2.01 -6.85
N ASP A 16 1.27 2.60 -5.88
CA ASP A 16 0.91 2.46 -4.48
C ASP A 16 -0.29 3.35 -4.14
N LYS A 17 -1.43 2.73 -3.87
CA LYS A 17 -2.65 3.46 -3.53
C LYS A 17 -3.02 3.24 -2.07
N CYS A 18 -2.02 3.00 -1.23
CA CYS A 18 -2.26 2.77 0.19
C CYS A 18 -2.50 4.10 0.92
N CYS A 19 -2.97 3.99 2.16
CA CYS A 19 -3.25 5.18 2.96
C CYS A 19 -2.40 5.18 4.23
N ALA A 20 -2.65 6.15 5.11
CA ALA A 20 -1.92 6.26 6.36
C ALA A 20 -0.42 6.26 6.11
N ASN A 21 -0.02 6.75 4.94
CA ASN A 21 1.40 6.81 4.59
C ASN A 21 2.01 5.40 4.54
N LEU A 22 1.18 4.42 4.20
CA LEU A 22 1.64 3.04 4.12
C LEU A 22 2.60 2.85 2.95
N VAL A 23 3.07 1.62 2.77
CA VAL A 23 4.00 1.29 1.69
C VAL A 23 3.60 0.01 0.98
N CYS A 24 3.77 -0.02 -0.34
CA CYS A 24 3.43 -1.19 -1.13
C CYS A 24 4.66 -2.06 -1.37
N SER A 25 4.80 -3.10 -0.55
CA SER A 25 5.93 -4.01 -0.67
C SER A 25 5.94 -4.69 -2.03
N SER A 26 7.02 -4.51 -2.78
CA SER A 26 7.16 -5.09 -4.10
C SER A 26 7.29 -6.61 -4.01
N LYS A 27 7.50 -7.11 -2.79
CA LYS A 27 7.65 -8.53 -2.56
C LYS A 27 6.30 -9.17 -2.21
N HIS A 28 5.76 -8.78 -1.06
CA HIS A 28 4.48 -9.31 -0.60
C HIS A 28 3.33 -8.73 -1.41
N LYS A 29 3.60 -7.61 -2.09
CA LYS A 29 2.58 -6.96 -2.92
C LYS A 29 1.37 -6.58 -2.08
N TRP A 30 1.59 -5.76 -1.06
CA TRP A 30 0.51 -5.31 -0.19
C TRP A 30 0.90 -4.04 0.55
N CYS A 31 -0.07 -3.42 1.21
CA CYS A 31 0.16 -2.19 1.96
C CYS A 31 0.67 -2.50 3.36
N LYS A 32 1.99 -2.61 3.50
CA LYS A 32 2.60 -2.91 4.79
C LYS A 32 3.21 -1.65 5.40
N GLY A 33 3.82 -1.80 6.57
CA GLY A 33 4.43 -0.68 7.24
C GLY A 33 5.91 -0.54 6.92
N LYS A 34 6.28 0.59 6.35
CA LYS A 34 7.68 0.85 5.99
C LYS A 34 8.56 0.87 7.24
N LEU A 35 9.31 -0.21 7.45
CA LEU A 35 10.20 -0.31 8.60
C LEU A 35 11.44 0.56 8.40
N GLY A 1 -13.59 12.91 -2.59
CA GLY A 1 -13.09 12.93 -1.23
C GLY A 1 -11.66 12.43 -1.13
N ASN A 2 -11.50 11.11 -1.08
CA ASN A 2 -10.17 10.51 -0.98
C ASN A 2 -10.16 9.13 -1.63
N ASP A 3 -8.99 8.73 -2.14
CA ASP A 3 -8.85 7.42 -2.77
C ASP A 3 -7.54 6.77 -2.36
N CYS A 4 -7.64 5.71 -1.55
CA CYS A 4 -6.46 4.99 -1.08
C CYS A 4 -6.86 3.66 -0.45
N LEU A 5 -5.86 2.88 -0.04
CA LEU A 5 -6.10 1.58 0.57
C LEU A 5 -5.68 1.58 2.04
N GLY A 6 -6.15 0.59 2.79
CA GLY A 6 -5.80 0.49 4.18
C GLY A 6 -4.54 -0.30 4.42
N PHE A 7 -4.44 -0.94 5.58
CA PHE A 7 -3.27 -1.73 5.92
C PHE A 7 -3.41 -3.16 5.41
N TRP A 8 -2.28 -3.79 5.11
CA TRP A 8 -2.29 -5.17 4.61
C TRP A 8 -3.21 -5.30 3.41
N SER A 9 -3.35 -4.22 2.65
CA SER A 9 -4.21 -4.22 1.47
C SER A 9 -3.40 -4.45 0.21
N ALA A 10 -3.75 -5.50 -0.54
CA ALA A 10 -3.05 -5.82 -1.78
C ALA A 10 -2.95 -4.60 -2.69
N CYS A 11 -1.80 -4.42 -3.30
CA CYS A 11 -1.57 -3.30 -4.20
C CYS A 11 -0.51 -3.64 -5.25
N ASN A 12 -0.16 -2.65 -6.06
CA ASN A 12 0.83 -2.84 -7.11
C ASN A 12 2.13 -2.12 -6.76
N PRO A 13 3.27 -2.77 -7.06
CA PRO A 13 4.60 -2.21 -6.78
C PRO A 13 4.92 -1.02 -7.69
N LYS A 14 4.20 -0.92 -8.80
CA LYS A 14 4.40 0.18 -9.74
C LYS A 14 3.42 1.32 -9.49
N ASN A 15 2.35 1.02 -8.77
CA ASN A 15 1.34 2.01 -8.46
C ASN A 15 0.82 1.84 -7.03
N ASP A 16 1.50 2.47 -6.08
CA ASP A 16 1.11 2.39 -4.68
C ASP A 16 -0.07 3.32 -4.38
N LYS A 17 -1.22 2.73 -4.10
CA LYS A 17 -2.42 3.50 -3.79
C LYS A 17 -2.83 3.32 -2.34
N CYS A 18 -1.84 3.08 -1.48
CA CYS A 18 -2.09 2.90 -0.06
C CYS A 18 -2.32 4.25 0.64
N CYS A 19 -2.78 4.19 1.88
CA CYS A 19 -3.05 5.40 2.65
C CYS A 19 -2.21 5.42 3.92
N ALA A 20 -2.44 6.43 4.76
CA ALA A 20 -1.72 6.57 6.02
C ALA A 20 -0.22 6.52 5.78
N ASN A 21 0.21 6.95 4.61
CA ASN A 21 1.62 6.97 4.25
C ASN A 21 2.20 5.55 4.26
N LEU A 22 1.36 4.58 3.93
CA LEU A 22 1.77 3.18 3.89
C LEU A 22 2.74 2.93 2.74
N VAL A 23 3.18 1.69 2.60
CA VAL A 23 4.11 1.32 1.53
C VAL A 23 3.68 0.03 0.86
N CYS A 24 3.88 -0.04 -0.45
CA CYS A 24 3.51 -1.24 -1.22
C CYS A 24 4.72 -2.15 -1.41
N SER A 25 4.83 -3.16 -0.57
CA SER A 25 5.93 -4.11 -0.65
C SER A 25 5.94 -4.82 -1.99
N SER A 26 7.04 -4.69 -2.72
CA SER A 26 7.17 -5.33 -4.03
C SER A 26 7.26 -6.84 -3.89
N LYS A 27 7.45 -7.30 -2.66
CA LYS A 27 7.55 -8.74 -2.39
C LYS A 27 6.19 -9.32 -2.03
N HIS A 28 5.65 -8.88 -0.90
CA HIS A 28 4.35 -9.36 -0.44
C HIS A 28 3.22 -8.77 -1.28
N LYS A 29 3.53 -7.69 -1.99
CA LYS A 29 2.54 -7.03 -2.84
C LYS A 29 1.33 -6.59 -2.02
N TRP A 30 1.57 -5.75 -1.03
CA TRP A 30 0.49 -5.25 -0.18
C TRP A 30 0.90 -3.96 0.53
N CYS A 31 -0.07 -3.30 1.15
CA CYS A 31 0.19 -2.07 1.87
C CYS A 31 0.68 -2.34 3.29
N LYS A 32 1.99 -2.49 3.44
CA LYS A 32 2.59 -2.76 4.74
C LYS A 32 3.23 -1.50 5.33
N GLY A 33 3.82 -1.63 6.51
CA GLY A 33 4.46 -0.50 7.15
C GLY A 33 5.93 -0.42 6.84
N LYS A 34 6.34 0.69 6.23
CA LYS A 34 7.75 0.89 5.88
C LYS A 34 8.61 1.07 7.13
N LEU A 35 9.50 0.12 7.36
CA LEU A 35 10.39 0.16 8.51
C LEU A 35 11.76 0.71 8.14
N GLY A 1 -13.21 12.63 -3.40
CA GLY A 1 -12.18 13.52 -2.90
C GLY A 1 -10.86 12.82 -2.68
N ASN A 2 -10.90 11.68 -1.99
CA ASN A 2 -9.69 10.91 -1.72
C ASN A 2 -9.88 9.45 -2.07
N ASP A 3 -8.78 8.75 -2.33
CA ASP A 3 -8.84 7.33 -2.69
C ASP A 3 -7.54 6.63 -2.29
N CYS A 4 -7.65 5.68 -1.38
CA CYS A 4 -6.49 4.92 -0.90
C CYS A 4 -6.91 3.58 -0.32
N LEU A 5 -5.94 2.79 0.09
CA LEU A 5 -6.21 1.47 0.67
C LEU A 5 -5.78 1.42 2.13
N GLY A 6 -6.31 0.45 2.87
CA GLY A 6 -5.98 0.32 4.27
C GLY A 6 -4.71 -0.48 4.49
N PHE A 7 -4.67 -1.24 5.57
CA PHE A 7 -3.50 -2.06 5.90
C PHE A 7 -3.66 -3.48 5.35
N TRP A 8 -2.54 -4.11 5.04
CA TRP A 8 -2.54 -5.47 4.50
C TRP A 8 -3.44 -5.56 3.27
N SER A 9 -3.58 -4.44 2.57
CA SER A 9 -4.41 -4.40 1.37
C SER A 9 -3.57 -4.58 0.11
N ALA A 10 -3.89 -5.59 -0.68
CA ALA A 10 -3.17 -5.88 -1.92
C ALA A 10 -3.06 -4.63 -2.77
N CYS A 11 -1.87 -4.42 -3.36
CA CYS A 11 -1.64 -3.26 -4.21
C CYS A 11 -0.57 -3.57 -5.26
N ASN A 12 -0.19 -2.56 -6.03
CA ASN A 12 0.82 -2.72 -7.07
C ASN A 12 2.11 -2.01 -6.69
N PRO A 13 3.25 -2.64 -6.99
CA PRO A 13 4.57 -2.08 -6.68
C PRO A 13 4.91 -0.88 -7.54
N LYS A 14 4.20 -0.74 -8.66
CA LYS A 14 4.42 0.38 -9.57
C LYS A 14 3.44 1.51 -9.29
N ASN A 15 2.35 1.19 -8.60
CA ASN A 15 1.33 2.19 -8.27
C ASN A 15 0.80 1.96 -6.85
N ASP A 16 1.51 2.53 -5.88
CA ASP A 16 1.11 2.39 -4.48
C ASP A 16 -0.07 3.30 -4.15
N LYS A 17 -1.23 2.71 -3.90
CA LYS A 17 -2.43 3.46 -3.59
C LYS A 17 -2.84 3.26 -2.14
N CYS A 18 -1.86 2.95 -1.29
CA CYS A 18 -2.13 2.73 0.13
C CYS A 18 -2.36 4.04 0.86
N CYS A 19 -2.85 3.95 2.09
CA CYS A 19 -3.13 5.14 2.89
C CYS A 19 -2.34 5.11 4.20
N ALA A 20 -2.57 6.10 5.05
CA ALA A 20 -1.88 6.17 6.33
C ALA A 20 -0.37 6.11 6.14
N ASN A 21 0.10 6.58 4.99
CA ASN A 21 1.53 6.57 4.69
C ASN A 21 2.06 5.14 4.64
N LEU A 22 1.21 4.20 4.23
CA LEU A 22 1.60 2.80 4.15
C LEU A 22 2.60 2.59 3.01
N VAL A 23 3.04 1.34 2.85
CA VAL A 23 4.00 1.01 1.81
C VAL A 23 3.57 -0.25 1.05
N CYS A 24 3.78 -0.25 -0.25
CA CYS A 24 3.41 -1.39 -1.09
C CYS A 24 4.61 -2.32 -1.30
N SER A 25 4.69 -3.35 -0.47
CA SER A 25 5.79 -4.31 -0.57
C SER A 25 5.82 -4.98 -1.94
N SER A 26 6.93 -4.83 -2.65
CA SER A 26 7.07 -5.42 -3.98
C SER A 26 7.15 -6.94 -3.89
N LYS A 27 7.30 -7.45 -2.68
CA LYS A 27 7.37 -8.89 -2.46
C LYS A 27 6.00 -9.47 -2.14
N HIS A 28 5.45 -9.07 -1.00
CA HIS A 28 4.13 -9.55 -0.58
C HIS A 28 3.03 -8.91 -1.42
N LYS A 29 3.36 -7.81 -2.09
CA LYS A 29 2.40 -7.11 -2.93
C LYS A 29 1.18 -6.69 -2.13
N TRP A 30 1.40 -5.88 -1.09
CA TRP A 30 0.32 -5.40 -0.25
C TRP A 30 0.73 -4.15 0.52
N CYS A 31 -0.24 -3.49 1.15
CA CYS A 31 0.03 -2.28 1.92
C CYS A 31 0.48 -2.62 3.33
N LYS A 32 1.79 -2.79 3.50
CA LYS A 32 2.35 -3.11 4.81
C LYS A 32 2.99 -1.88 5.45
N GLY A 33 3.60 -2.09 6.61
CA GLY A 33 4.24 -0.97 7.31
C GLY A 33 5.72 -0.87 6.98
N LYS A 34 6.13 0.30 6.51
CA LYS A 34 7.53 0.54 6.15
C LYS A 34 8.42 0.48 7.38
N LEU A 35 9.22 -0.57 7.48
CA LEU A 35 10.12 -0.74 8.61
C LEU A 35 9.37 -0.62 9.93
N GLY A 1 -12.60 14.36 -2.01
CA GLY A 1 -12.38 13.14 -2.76
C GLY A 1 -11.11 12.42 -2.33
N ASN A 2 -11.27 11.24 -1.75
CA ASN A 2 -10.12 10.46 -1.30
C ASN A 2 -10.18 9.03 -1.85
N ASP A 3 -9.03 8.51 -2.25
CA ASP A 3 -8.95 7.17 -2.79
C ASP A 3 -7.64 6.50 -2.40
N CYS A 4 -7.73 5.51 -1.50
CA CYS A 4 -6.55 4.80 -1.03
C CYS A 4 -6.94 3.46 -0.40
N LEU A 5 -5.94 2.70 0.02
CA LEU A 5 -6.19 1.41 0.65
C LEU A 5 -5.73 1.41 2.10
N GLY A 6 -6.23 0.45 2.87
CA GLY A 6 -5.86 0.35 4.27
C GLY A 6 -4.58 -0.42 4.49
N PHE A 7 -4.50 -1.14 5.60
CA PHE A 7 -3.32 -1.92 5.92
C PHE A 7 -3.45 -3.35 5.42
N TRP A 8 -2.32 -3.98 5.12
CA TRP A 8 -2.32 -5.35 4.61
C TRP A 8 -3.24 -5.50 3.40
N SER A 9 -3.41 -4.40 2.66
CA SER A 9 -4.27 -4.41 1.48
C SER A 9 -3.44 -4.62 0.21
N ALA A 10 -3.77 -5.67 -0.53
CA ALA A 10 -3.06 -5.98 -1.77
C ALA A 10 -2.99 -4.76 -2.68
N CYS A 11 -1.83 -4.55 -3.29
CA CYS A 11 -1.62 -3.42 -4.18
C CYS A 11 -0.57 -3.74 -5.24
N ASN A 12 -0.24 -2.75 -6.05
CA ASN A 12 0.76 -2.93 -7.11
C ASN A 12 2.04 -2.18 -6.78
N PRO A 13 3.19 -2.81 -7.08
CA PRO A 13 4.51 -2.23 -6.82
C PRO A 13 4.81 -1.04 -7.72
N LYS A 14 4.06 -0.94 -8.83
CA LYS A 14 4.25 0.15 -9.77
C LYS A 14 3.26 1.29 -9.50
N ASN A 15 2.18 0.96 -8.78
CA ASN A 15 1.17 1.95 -8.46
C ASN A 15 0.67 1.76 -7.02
N ASP A 16 1.38 2.37 -6.08
CA ASP A 16 1.01 2.28 -4.67
C ASP A 16 -0.17 3.18 -4.35
N LYS A 17 -1.31 2.57 -4.06
CA LYS A 17 -2.53 3.32 -3.74
C LYS A 17 -2.90 3.15 -2.27
N CYS A 18 -1.90 2.89 -1.44
CA CYS A 18 -2.11 2.70 -0.01
C CYS A 18 -2.36 4.03 0.68
N CYS A 19 -2.84 3.98 1.92
CA CYS A 19 -3.11 5.19 2.69
C CYS A 19 -2.29 5.20 3.98
N ALA A 20 -2.53 6.21 4.81
CA ALA A 20 -1.82 6.35 6.07
C ALA A 20 -0.30 6.30 5.86
N ASN A 21 0.13 6.73 4.69
CA ASN A 21 1.56 6.75 4.36
C ASN A 21 2.11 5.31 4.34
N LEU A 22 1.26 4.37 3.98
CA LEU A 22 1.67 2.97 3.92
C LEU A 22 2.65 2.73 2.78
N VAL A 23 3.12 1.49 2.65
CA VAL A 23 4.07 1.14 1.60
C VAL A 23 3.64 -0.15 0.90
N CYS A 24 3.81 -0.18 -0.42
CA CYS A 24 3.45 -1.35 -1.21
C CYS A 24 4.66 -2.25 -1.42
N SER A 25 4.78 -3.27 -0.57
CA SER A 25 5.89 -4.22 -0.66
C SER A 25 5.89 -4.93 -2.01
N SER A 26 6.99 -4.78 -2.74
CA SER A 26 7.12 -5.41 -4.05
C SER A 26 7.22 -6.92 -3.92
N LYS A 27 7.40 -7.39 -2.70
CA LYS A 27 7.52 -8.82 -2.43
C LYS A 27 6.16 -9.42 -2.07
N HIS A 28 5.62 -8.99 -0.94
CA HIS A 28 4.32 -9.47 -0.48
C HIS A 28 3.19 -8.88 -1.31
N LYS A 29 3.49 -7.80 -2.02
CA LYS A 29 2.50 -7.15 -2.86
C LYS A 29 1.29 -6.71 -2.05
N TRP A 30 1.52 -5.87 -1.05
CA TRP A 30 0.44 -5.38 -0.19
C TRP A 30 0.85 -4.10 0.53
N CYS A 31 -0.12 -3.45 1.16
CA CYS A 31 0.14 -2.20 1.87
C CYS A 31 0.62 -2.50 3.29
N LYS A 32 1.94 -2.63 3.45
CA LYS A 32 2.53 -2.92 4.75
C LYS A 32 3.16 -1.65 5.34
N GLY A 33 3.80 -1.80 6.49
CA GLY A 33 4.44 -0.67 7.15
C GLY A 33 5.91 -0.55 6.79
N LYS A 34 6.29 0.62 6.27
CA LYS A 34 7.67 0.87 5.88
C LYS A 34 8.58 0.92 7.11
N LEU A 35 9.40 -0.12 7.27
CA LEU A 35 10.32 -0.20 8.39
C LEU A 35 11.76 0.02 7.94
N GLY A 1 -13.89 11.97 -3.80
CA GLY A 1 -12.88 12.74 -3.11
C GLY A 1 -11.56 12.00 -2.99
N ASN A 2 -11.25 11.56 -1.77
CA ASN A 2 -10.01 10.82 -1.52
C ASN A 2 -10.11 9.39 -2.03
N ASP A 3 -8.98 8.70 -2.11
CA ASP A 3 -8.95 7.32 -2.57
C ASP A 3 -7.63 6.66 -2.19
N CYS A 4 -7.71 5.67 -1.29
CA CYS A 4 -6.53 4.94 -0.84
C CYS A 4 -6.93 3.61 -0.21
N LEU A 5 -5.93 2.84 0.20
CA LEU A 5 -6.16 1.54 0.81
C LEU A 5 -5.71 1.53 2.26
N GLY A 6 -6.20 0.56 3.03
CA GLY A 6 -5.81 0.45 4.43
C GLY A 6 -4.53 -0.31 4.63
N PHE A 7 -4.44 -1.04 5.74
CA PHE A 7 -3.25 -1.83 6.05
C PHE A 7 -3.39 -3.25 5.54
N TRP A 8 -2.26 -3.87 5.21
CA TRP A 8 -2.26 -5.24 4.71
C TRP A 8 -3.18 -5.38 3.51
N SER A 9 -3.35 -4.28 2.77
CA SER A 9 -4.22 -4.28 1.59
C SER A 9 -3.41 -4.49 0.32
N ALA A 10 -3.73 -5.53 -0.42
CA ALA A 10 -3.04 -5.84 -1.67
C ALA A 10 -2.97 -4.61 -2.57
N CYS A 11 -1.81 -4.38 -3.17
CA CYS A 11 -1.62 -3.25 -4.06
C CYS A 11 -0.57 -3.56 -5.13
N ASN A 12 -0.24 -2.57 -5.94
CA ASN A 12 0.74 -2.74 -7.01
C ASN A 12 2.04 -2.00 -6.68
N PRO A 13 3.17 -2.63 -7.00
CA PRO A 13 4.50 -2.05 -6.75
C PRO A 13 4.79 -0.85 -7.65
N LYS A 14 4.05 -0.75 -8.74
CA LYS A 14 4.21 0.34 -9.69
C LYS A 14 3.24 1.47 -9.40
N ASN A 15 2.18 1.15 -8.67
CA ASN A 15 1.16 2.15 -8.33
C ASN A 15 0.68 1.95 -6.89
N ASP A 16 1.37 2.57 -5.95
CA ASP A 16 1.01 2.46 -4.54
C ASP A 16 -0.18 3.36 -4.21
N LYS A 17 -1.31 2.74 -3.92
CA LYS A 17 -2.52 3.49 -3.60
C LYS A 17 -2.90 3.30 -2.13
N CYS A 18 -1.90 3.05 -1.29
CA CYS A 18 -2.12 2.86 0.14
C CYS A 18 -2.36 4.20 0.84
N CYS A 19 -2.81 4.13 2.09
CA CYS A 19 -3.08 5.33 2.87
C CYS A 19 -2.25 5.34 4.15
N ALA A 20 -2.48 6.34 4.99
CA ALA A 20 -1.76 6.47 6.25
C ALA A 20 -0.25 6.42 6.02
N ASN A 21 0.18 6.87 4.85
CA ASN A 21 1.59 6.87 4.51
C ASN A 21 2.15 5.45 4.48
N LEU A 22 1.31 4.49 4.12
CA LEU A 22 1.72 3.10 4.05
C LEU A 22 2.69 2.87 2.90
N VAL A 23 3.16 1.64 2.75
CA VAL A 23 4.09 1.29 1.69
C VAL A 23 3.67 0.00 0.98
N CYS A 24 3.85 -0.02 -0.34
CA CYS A 24 3.48 -1.19 -1.13
C CYS A 24 4.69 -2.09 -1.35
N SER A 25 4.83 -3.11 -0.50
CA SER A 25 5.94 -4.04 -0.60
C SER A 25 5.94 -4.75 -1.95
N SER A 26 7.03 -4.60 -2.69
CA SER A 26 7.16 -5.22 -4.00
C SER A 26 7.25 -6.73 -3.89
N LYS A 27 7.45 -7.21 -2.66
CA LYS A 27 7.57 -8.64 -2.41
C LYS A 27 6.21 -9.24 -2.03
N HIS A 28 5.68 -8.82 -0.90
CA HIS A 28 4.39 -9.31 -0.43
C HIS A 28 3.25 -8.72 -1.26
N LYS A 29 3.54 -7.63 -1.96
CA LYS A 29 2.55 -6.98 -2.80
C LYS A 29 1.33 -6.55 -1.97
N TRP A 30 1.56 -5.71 -0.97
CA TRP A 30 0.49 -5.24 -0.11
C TRP A 30 0.89 -3.96 0.61
N CYS A 31 -0.07 -3.31 1.26
CA CYS A 31 0.19 -2.07 1.98
C CYS A 31 0.67 -2.37 3.40
N LYS A 32 1.99 -2.51 3.54
CA LYS A 32 2.59 -2.78 4.84
C LYS A 32 3.22 -1.53 5.43
N GLY A 33 3.87 -1.68 6.58
CA GLY A 33 4.51 -0.55 7.23
C GLY A 33 5.97 -0.42 6.86
N LYS A 34 6.35 0.74 6.34
CA LYS A 34 7.74 0.99 5.96
C LYS A 34 8.68 0.77 7.13
N LEU A 35 9.38 -0.36 7.10
CA LEU A 35 10.33 -0.70 8.16
C LEU A 35 11.66 0.02 7.95
N GLY A 1 -13.80 12.30 -3.13
CA GLY A 1 -12.90 13.06 -2.28
C GLY A 1 -11.52 12.44 -2.17
N ASN A 2 -11.42 11.39 -1.36
CA ASN A 2 -10.14 10.70 -1.17
C ASN A 2 -10.14 9.35 -1.89
N ASP A 3 -8.97 8.73 -1.97
CA ASP A 3 -8.83 7.44 -2.63
C ASP A 3 -7.53 6.76 -2.22
N CYS A 4 -7.63 5.73 -1.40
CA CYS A 4 -6.46 5.00 -0.94
C CYS A 4 -6.86 3.66 -0.33
N LEU A 5 -5.87 2.87 0.07
CA LEU A 5 -6.12 1.57 0.68
C LEU A 5 -5.69 1.55 2.13
N GLY A 6 -6.16 0.56 2.88
CA GLY A 6 -5.81 0.44 4.29
C GLY A 6 -4.54 -0.37 4.50
N PHE A 7 -4.45 -1.01 5.66
CA PHE A 7 -3.28 -1.82 6.00
C PHE A 7 -3.44 -3.24 5.47
N TRP A 8 -2.31 -3.87 5.16
CA TRP A 8 -2.32 -5.24 4.65
C TRP A 8 -3.25 -5.37 3.44
N SER A 9 -3.39 -4.27 2.70
CA SER A 9 -4.26 -4.26 1.52
C SER A 9 -3.45 -4.47 0.25
N ALA A 10 -3.81 -5.52 -0.50
CA ALA A 10 -3.11 -5.83 -1.75
C ALA A 10 -3.01 -4.61 -2.65
N CYS A 11 -1.85 -4.42 -3.26
CA CYS A 11 -1.62 -3.30 -4.15
C CYS A 11 -0.57 -3.63 -5.20
N ASN A 12 -0.21 -2.64 -6.02
CA ASN A 12 0.78 -2.83 -7.06
C ASN A 12 2.09 -2.12 -6.71
N PRO A 13 3.22 -2.77 -7.02
CA PRO A 13 4.54 -2.21 -6.74
C PRO A 13 4.87 -1.02 -7.63
N LYS A 14 4.13 -0.89 -8.73
CA LYS A 14 4.34 0.21 -9.67
C LYS A 14 3.37 1.34 -9.40
N ASN A 15 2.28 1.03 -8.70
CA ASN A 15 1.27 2.04 -8.37
C ASN A 15 0.76 1.85 -6.94
N ASP A 16 1.46 2.46 -6.00
CA ASP A 16 1.09 2.37 -4.58
C ASP A 16 -0.07 3.31 -4.27
N LYS A 17 -1.24 2.72 -4.00
CA LYS A 17 -2.43 3.50 -3.68
C LYS A 17 -2.82 3.32 -2.21
N CYS A 18 -1.83 3.05 -1.37
CA CYS A 18 -2.08 2.86 0.05
C CYS A 18 -2.29 4.20 0.76
N CYS A 19 -2.78 4.14 2.00
CA CYS A 19 -3.02 5.34 2.78
C CYS A 19 -2.19 5.34 4.05
N ALA A 20 -2.41 6.35 4.90
CA ALA A 20 -1.68 6.46 6.16
C ALA A 20 -0.18 6.42 5.92
N ASN A 21 0.25 6.86 4.74
CA ASN A 21 1.67 6.86 4.39
C ASN A 21 2.23 5.44 4.38
N LEU A 22 1.37 4.48 4.04
CA LEU A 22 1.79 3.08 3.99
C LEU A 22 2.75 2.84 2.83
N VAL A 23 3.18 1.59 2.69
CA VAL A 23 4.11 1.22 1.62
C VAL A 23 3.66 -0.06 0.93
N CYS A 24 3.86 -0.12 -0.38
CA CYS A 24 3.48 -1.29 -1.17
C CYS A 24 4.68 -2.21 -1.37
N SER A 25 4.78 -3.24 -0.53
CA SER A 25 5.88 -4.19 -0.63
C SER A 25 5.88 -4.90 -1.98
N SER A 26 6.97 -4.76 -2.71
CA SER A 26 7.09 -5.38 -4.03
C SER A 26 7.18 -6.90 -3.90
N LYS A 27 7.36 -7.37 -2.69
CA LYS A 27 7.46 -8.81 -2.43
C LYS A 27 6.10 -9.39 -2.07
N HIS A 28 5.56 -8.96 -0.93
CA HIS A 28 4.26 -9.44 -0.46
C HIS A 28 3.13 -8.83 -1.30
N LYS A 29 3.44 -7.75 -2.00
CA LYS A 29 2.45 -7.07 -2.84
C LYS A 29 1.25 -6.64 -2.01
N TRP A 30 1.50 -5.79 -1.02
CA TRP A 30 0.42 -5.30 -0.15
C TRP A 30 0.85 -4.02 0.57
N CYS A 31 -0.11 -3.36 1.20
CA CYS A 31 0.17 -2.13 1.93
C CYS A 31 0.65 -2.43 3.34
N LYS A 32 1.96 -2.58 3.49
CA LYS A 32 2.57 -2.87 4.79
C LYS A 32 3.21 -1.63 5.38
N GLY A 33 3.80 -1.77 6.56
CA GLY A 33 4.46 -0.65 7.21
C GLY A 33 5.94 -0.57 6.88
N LYS A 34 6.35 0.56 6.31
CA LYS A 34 7.74 0.76 5.95
C LYS A 34 8.62 0.88 7.19
N LEU A 35 9.43 -0.15 7.43
CA LEU A 35 10.32 -0.16 8.59
C LEU A 35 11.61 0.59 8.29
N GLY A 1 -12.88 12.62 -4.98
CA GLY A 1 -12.40 12.85 -3.63
C GLY A 1 -11.16 12.05 -3.31
N ASN A 2 -11.11 11.50 -2.09
CA ASN A 2 -9.96 10.72 -1.65
C ASN A 2 -10.09 9.27 -2.11
N ASP A 3 -8.96 8.63 -2.37
CA ASP A 3 -8.95 7.24 -2.80
C ASP A 3 -7.64 6.56 -2.41
N CYS A 4 -7.73 5.66 -1.43
CA CYS A 4 -6.55 4.93 -0.96
C CYS A 4 -6.95 3.58 -0.36
N LEU A 5 -5.97 2.81 0.06
CA LEU A 5 -6.21 1.50 0.66
C LEU A 5 -5.80 1.48 2.12
N GLY A 6 -6.28 0.48 2.85
CA GLY A 6 -5.95 0.36 4.26
C GLY A 6 -4.68 -0.43 4.50
N PHE A 7 -4.60 -1.09 5.65
CA PHE A 7 -3.44 -1.88 6.00
C PHE A 7 -3.57 -3.31 5.46
N TRP A 8 -2.43 -3.93 5.17
CA TRP A 8 -2.43 -5.29 4.65
C TRP A 8 -3.34 -5.41 3.43
N SER A 9 -3.47 -4.33 2.68
CA SER A 9 -4.31 -4.31 1.50
C SER A 9 -3.48 -4.52 0.24
N ALA A 10 -3.82 -5.55 -0.53
CA ALA A 10 -3.11 -5.86 -1.76
C ALA A 10 -3.00 -4.63 -2.66
N CYS A 11 -1.83 -4.43 -3.24
CA CYS A 11 -1.59 -3.30 -4.13
C CYS A 11 -0.52 -3.61 -5.16
N ASN A 12 -0.15 -2.62 -5.96
CA ASN A 12 0.86 -2.79 -6.99
C ASN A 12 2.14 -2.06 -6.61
N PRO A 13 3.30 -2.70 -6.90
CA PRO A 13 4.61 -2.14 -6.60
C PRO A 13 4.94 -0.94 -7.49
N LYS A 14 4.22 -0.81 -8.59
CA LYS A 14 4.43 0.29 -9.53
C LYS A 14 3.44 1.42 -9.27
N ASN A 15 2.35 1.10 -8.58
CA ASN A 15 1.33 2.09 -8.27
C ASN A 15 0.80 1.90 -6.85
N ASP A 16 1.48 2.51 -5.88
CA ASP A 16 1.07 2.40 -4.48
C ASP A 16 -0.10 3.32 -4.19
N LYS A 17 -1.27 2.73 -3.93
CA LYS A 17 -2.47 3.49 -3.63
C LYS A 17 -2.89 3.29 -2.18
N CYS A 18 -1.91 3.04 -1.31
CA CYS A 18 -2.18 2.83 0.10
C CYS A 18 -2.42 4.17 0.81
N CYS A 19 -2.93 4.09 2.04
CA CYS A 19 -3.20 5.29 2.82
C CYS A 19 -2.38 5.30 4.11
N ALA A 20 -2.63 6.29 4.95
CA ALA A 20 -1.92 6.41 6.23
C ALA A 20 -0.41 6.38 6.02
N ASN A 21 0.03 6.83 4.85
CA ASN A 21 1.46 6.85 4.52
C ASN A 21 2.03 5.43 4.52
N LEU A 22 1.19 4.46 4.16
CA LEU A 22 1.61 3.07 4.12
C LEU A 22 2.60 2.84 2.97
N VAL A 23 3.05 1.60 2.82
CA VAL A 23 4.00 1.25 1.77
C VAL A 23 3.58 -0.04 1.06
N CYS A 24 3.80 -0.09 -0.25
CA CYS A 24 3.44 -1.25 -1.04
C CYS A 24 4.65 -2.17 -1.24
N SER A 25 4.76 -3.19 -0.39
CA SER A 25 5.86 -4.13 -0.47
C SER A 25 5.89 -4.83 -1.83
N SER A 26 7.00 -4.68 -2.54
CA SER A 26 7.15 -5.29 -3.87
C SER A 26 7.25 -6.80 -3.75
N LYS A 27 7.42 -7.28 -2.52
CA LYS A 27 7.52 -8.72 -2.28
C LYS A 27 6.16 -9.32 -1.93
N HIS A 28 5.61 -8.90 -0.81
CA HIS A 28 4.30 -9.40 -0.37
C HIS A 28 3.18 -8.80 -1.22
N LYS A 29 3.49 -7.71 -1.92
CA LYS A 29 2.52 -7.04 -2.76
C LYS A 29 1.28 -6.62 -1.96
N TRP A 30 1.51 -5.78 -0.95
CA TRP A 30 0.41 -5.31 -0.10
C TRP A 30 0.81 -4.02 0.63
N CYS A 31 -0.16 -3.38 1.26
CA CYS A 31 0.09 -2.14 1.98
C CYS A 31 0.55 -2.45 3.41
N LYS A 32 1.86 -2.59 3.57
CA LYS A 32 2.44 -2.88 4.89
C LYS A 32 3.07 -1.63 5.50
N GLY A 33 3.64 -1.78 6.68
CA GLY A 33 4.27 -0.65 7.35
C GLY A 33 5.75 -0.55 7.05
N LYS A 34 6.15 0.58 6.49
CA LYS A 34 7.56 0.80 6.16
C LYS A 34 8.42 0.83 7.41
N LEU A 35 9.14 -0.26 7.67
CA LEU A 35 10.01 -0.36 8.83
C LEU A 35 11.10 0.70 8.78
N GLY A 1 -14.68 10.47 -0.78
CA GLY A 1 -13.68 11.51 -0.75
C GLY A 1 -12.37 11.07 -1.38
N ASN A 2 -11.33 10.93 -0.56
CA ASN A 2 -10.02 10.52 -1.04
C ASN A 2 -10.07 9.09 -1.58
N ASP A 3 -9.00 8.69 -2.26
CA ASP A 3 -8.93 7.34 -2.83
C ASP A 3 -7.62 6.67 -2.44
N CYS A 4 -7.71 5.73 -1.49
CA CYS A 4 -6.54 5.00 -1.03
C CYS A 4 -6.93 3.67 -0.41
N LEU A 5 -5.94 2.89 0.01
CA LEU A 5 -6.17 1.59 0.61
C LEU A 5 -5.75 1.58 2.07
N GLY A 6 -6.23 0.60 2.82
CA GLY A 6 -5.88 0.48 4.23
C GLY A 6 -4.62 -0.32 4.45
N PHE A 7 -4.52 -0.96 5.61
CA PHE A 7 -3.35 -1.76 5.95
C PHE A 7 -3.50 -3.18 5.42
N TRP A 8 -2.38 -3.82 5.11
CA TRP A 8 -2.39 -5.18 4.60
C TRP A 8 -3.32 -5.32 3.40
N SER A 9 -3.42 -4.25 2.62
CA SER A 9 -4.28 -4.24 1.44
C SER A 9 -3.48 -4.46 0.18
N ALA A 10 -3.85 -5.49 -0.59
CA ALA A 10 -3.15 -5.81 -1.83
C ALA A 10 -3.06 -4.58 -2.73
N CYS A 11 -1.88 -4.39 -3.32
CA CYS A 11 -1.65 -3.25 -4.20
C CYS A 11 -0.59 -3.57 -5.25
N ASN A 12 -0.22 -2.58 -6.05
CA ASN A 12 0.78 -2.76 -7.09
C ASN A 12 2.07 -2.03 -6.73
N PRO A 13 3.21 -2.67 -7.03
CA PRO A 13 4.53 -2.09 -6.74
C PRO A 13 4.85 -0.91 -7.65
N LYS A 14 4.14 -0.81 -8.75
CA LYS A 14 4.35 0.29 -9.70
C LYS A 14 3.35 1.42 -9.44
N ASN A 15 2.28 1.11 -8.73
CA ASN A 15 1.26 2.10 -8.41
C ASN A 15 0.74 1.91 -6.99
N ASP A 16 1.44 2.53 -6.03
CA ASP A 16 1.05 2.43 -4.63
C ASP A 16 -0.13 3.35 -4.32
N LYS A 17 -1.28 2.76 -4.06
CA LYS A 17 -2.49 3.52 -3.75
C LYS A 17 -2.89 3.34 -2.29
N CYS A 18 -1.91 3.09 -1.44
CA CYS A 18 -2.16 2.90 -0.01
C CYS A 18 -2.39 4.23 0.69
N CYS A 19 -2.86 4.17 1.93
CA CYS A 19 -3.12 5.37 2.71
C CYS A 19 -2.30 5.39 3.99
N ALA A 20 -2.53 6.40 4.83
CA ALA A 20 -1.80 6.52 6.08
C ALA A 20 -0.30 6.48 5.87
N ASN A 21 0.14 6.92 4.68
CA ASN A 21 1.54 6.93 4.35
C ASN A 21 2.12 5.51 4.33
N LEU A 22 1.27 4.55 4.00
CA LEU A 22 1.69 3.16 3.95
C LEU A 22 2.66 2.92 2.80
N VAL A 23 3.11 1.67 2.66
CA VAL A 23 4.03 1.30 1.59
C VAL A 23 3.60 0.02 0.90
N CYS A 24 3.80 -0.04 -0.41
CA CYS A 24 3.43 -1.21 -1.19
C CYS A 24 4.64 -2.13 -1.40
N SER A 25 4.75 -3.15 -0.56
CA SER A 25 5.85 -4.10 -0.66
C SER A 25 5.85 -4.81 -2.01
N SER A 26 6.94 -4.67 -2.74
CA SER A 26 7.08 -5.29 -4.05
C SER A 26 7.16 -6.81 -3.93
N LYS A 27 7.35 -7.28 -2.71
CA LYS A 27 7.45 -8.72 -2.45
C LYS A 27 6.09 -9.31 -2.09
N HIS A 28 5.55 -8.87 -0.95
CA HIS A 28 4.25 -9.36 -0.50
C HIS A 28 3.12 -8.76 -1.33
N LYS A 29 3.43 -7.68 -2.03
CA LYS A 29 2.44 -7.00 -2.87
C LYS A 29 1.23 -6.58 -2.05
N TRP A 30 1.47 -5.73 -1.05
CA TRP A 30 0.39 -5.24 -0.20
C TRP A 30 0.81 -3.97 0.52
N CYS A 31 -0.16 -3.31 1.15
CA CYS A 31 0.11 -2.07 1.88
C CYS A 31 0.59 -2.36 3.30
N LYS A 32 1.91 -2.52 3.45
CA LYS A 32 2.50 -2.80 4.75
C LYS A 32 3.15 -1.54 5.34
N GLY A 33 3.74 -1.69 6.52
CA GLY A 33 4.38 -0.57 7.17
C GLY A 33 5.86 -0.47 6.84
N LYS A 34 6.26 0.66 6.28
CA LYS A 34 7.66 0.88 5.92
C LYS A 34 8.54 0.92 7.16
N LEU A 35 9.29 -0.16 7.38
CA LEU A 35 10.17 -0.25 8.54
C LEU A 35 11.64 -0.16 8.11
N GLY A 1 -13.31 12.60 -3.28
CA GLY A 1 -12.41 13.49 -2.55
C GLY A 1 -11.08 12.83 -2.24
N ASN A 2 -11.11 11.52 -2.03
CA ASN A 2 -9.89 10.77 -1.72
C ASN A 2 -10.04 9.30 -2.10
N ASP A 3 -8.93 8.67 -2.44
CA ASP A 3 -8.94 7.26 -2.82
C ASP A 3 -7.63 6.58 -2.41
N CYS A 4 -7.72 5.67 -1.44
CA CYS A 4 -6.53 4.95 -0.96
C CYS A 4 -6.93 3.59 -0.39
N LEU A 5 -5.93 2.83 0.04
CA LEU A 5 -6.18 1.51 0.60
C LEU A 5 -5.78 1.47 2.08
N GLY A 6 -6.26 0.47 2.79
CA GLY A 6 -5.95 0.34 4.20
C GLY A 6 -4.68 -0.46 4.45
N PHE A 7 -4.62 -1.12 5.60
CA PHE A 7 -3.45 -1.92 5.95
C PHE A 7 -3.57 -3.33 5.40
N TRP A 8 -2.42 -3.95 5.11
CA TRP A 8 -2.40 -5.30 4.56
C TRP A 8 -3.29 -5.42 3.33
N SER A 9 -3.40 -4.32 2.59
CA SER A 9 -4.23 -4.30 1.38
C SER A 9 -3.38 -4.50 0.14
N ALA A 10 -3.70 -5.52 -0.64
CA ALA A 10 -2.97 -5.83 -1.86
C ALA A 10 -2.87 -4.60 -2.76
N CYS A 11 -1.68 -4.35 -3.28
CA CYS A 11 -1.44 -3.20 -4.15
C CYS A 11 -0.36 -3.51 -5.18
N ASN A 12 0.00 -2.50 -5.97
CA ASN A 12 1.03 -2.66 -6.99
C ASN A 12 2.31 -1.94 -6.60
N PRO A 13 3.46 -2.56 -6.88
CA PRO A 13 4.77 -1.99 -6.57
C PRO A 13 5.10 -0.79 -7.44
N LYS A 14 4.36 -0.62 -8.52
CA LYS A 14 4.58 0.50 -9.44
C LYS A 14 3.56 1.61 -9.19
N ASN A 15 2.46 1.25 -8.53
CA ASN A 15 1.41 2.23 -8.23
C ASN A 15 0.88 2.02 -6.82
N ASP A 16 1.56 2.61 -5.84
CA ASP A 16 1.16 2.50 -4.45
C ASP A 16 -0.02 3.42 -4.14
N LYS A 17 -1.19 2.82 -3.89
CA LYS A 17 -2.39 3.58 -3.60
C LYS A 17 -2.82 3.38 -2.14
N CYS A 18 -1.85 3.08 -1.28
CA CYS A 18 -2.13 2.85 0.13
C CYS A 18 -2.37 4.18 0.85
N CYS A 19 -2.93 4.10 2.05
CA CYS A 19 -3.22 5.28 2.85
C CYS A 19 -2.42 5.28 4.15
N ALA A 20 -2.69 6.26 5.01
CA ALA A 20 -1.99 6.36 6.28
C ALA A 20 -0.48 6.34 6.09
N ASN A 21 -0.03 6.83 4.94
CA ASN A 21 1.39 6.86 4.63
C ASN A 21 1.98 5.46 4.62
N LEU A 22 1.17 4.48 4.25
CA LEU A 22 1.60 3.09 4.20
C LEU A 22 2.60 2.88 3.06
N VAL A 23 3.06 1.65 2.90
CA VAL A 23 4.02 1.32 1.86
C VAL A 23 3.62 0.03 1.14
N CYS A 24 3.87 0.00 -0.17
CA CYS A 24 3.53 -1.16 -0.99
C CYS A 24 4.75 -2.07 -1.18
N SER A 25 4.85 -3.10 -0.35
CA SER A 25 5.96 -4.03 -0.42
C SER A 25 6.01 -4.72 -1.78
N SER A 26 7.13 -4.55 -2.49
CA SER A 26 7.30 -5.15 -3.81
C SER A 26 7.41 -6.66 -3.71
N LYS A 27 7.56 -7.16 -2.49
CA LYS A 27 7.67 -8.59 -2.25
C LYS A 27 6.31 -9.20 -1.94
N HIS A 28 5.74 -8.80 -0.82
CA HIS A 28 4.43 -9.31 -0.40
C HIS A 28 3.32 -8.71 -1.26
N LYS A 29 3.63 -7.61 -1.94
CA LYS A 29 2.66 -6.93 -2.79
C LYS A 29 1.42 -6.53 -2.00
N TRP A 30 1.62 -5.70 -0.98
CA TRP A 30 0.51 -5.24 -0.14
C TRP A 30 0.89 -3.97 0.62
N CYS A 31 -0.10 -3.34 1.23
CA CYS A 31 0.13 -2.12 1.98
C CYS A 31 0.58 -2.42 3.41
N LYS A 32 1.89 -2.56 3.59
CA LYS A 32 2.45 -2.86 4.91
C LYS A 32 3.07 -1.62 5.54
N GLY A 33 3.62 -1.78 6.72
CA GLY A 33 4.23 -0.66 7.41
C GLY A 33 5.72 -0.53 7.13
N LYS A 34 6.13 0.61 6.60
CA LYS A 34 7.53 0.84 6.28
C LYS A 34 8.37 0.93 7.56
N LEU A 35 9.20 -0.09 7.79
CA LEU A 35 10.05 -0.11 8.97
C LEU A 35 11.04 1.05 8.96
N GLY A 1 -12.15 14.27 -4.50
CA GLY A 1 -12.31 13.08 -3.67
C GLY A 1 -10.99 12.36 -3.45
N ASN A 2 -10.98 11.47 -2.47
CA ASN A 2 -9.77 10.70 -2.15
C ASN A 2 -10.06 9.20 -2.21
N ASP A 3 -9.04 8.43 -2.60
CA ASP A 3 -9.18 6.99 -2.69
C ASP A 3 -7.87 6.29 -2.33
N CYS A 4 -7.89 5.56 -1.21
CA CYS A 4 -6.71 4.85 -0.75
C CYS A 4 -7.08 3.49 -0.18
N LEU A 5 -6.08 2.73 0.24
CA LEU A 5 -6.30 1.41 0.82
C LEU A 5 -5.88 1.37 2.29
N GLY A 6 -6.34 0.35 3.01
CA GLY A 6 -6.00 0.23 4.41
C GLY A 6 -4.72 -0.56 4.62
N PHE A 7 -4.63 -1.23 5.77
CA PHE A 7 -3.45 -2.02 6.10
C PHE A 7 -3.57 -3.43 5.53
N TRP A 8 -2.42 -4.04 5.23
CA TRP A 8 -2.41 -5.38 4.68
C TRP A 8 -3.34 -5.50 3.47
N SER A 9 -3.45 -4.41 2.72
CA SER A 9 -4.31 -4.39 1.54
C SER A 9 -3.48 -4.57 0.26
N ALA A 10 -3.83 -5.58 -0.53
CA ALA A 10 -3.12 -5.86 -1.77
C ALA A 10 -3.03 -4.60 -2.64
N CYS A 11 -1.86 -4.36 -3.22
CA CYS A 11 -1.64 -3.21 -4.06
C CYS A 11 -0.57 -3.49 -5.11
N ASN A 12 -0.22 -2.47 -5.88
CA ASN A 12 0.80 -2.61 -6.92
C ASN A 12 2.08 -1.87 -6.53
N PRO A 13 3.23 -2.48 -6.84
CA PRO A 13 4.54 -1.89 -6.53
C PRO A 13 4.85 -0.67 -7.39
N LYS A 14 4.14 -0.56 -8.52
CA LYS A 14 4.33 0.56 -9.42
C LYS A 14 3.33 1.68 -9.15
N ASN A 15 2.24 1.32 -8.46
CA ASN A 15 1.21 2.30 -8.12
C ASN A 15 0.68 2.07 -6.71
N ASP A 16 1.36 2.66 -5.73
CA ASP A 16 0.96 2.52 -4.33
C ASP A 16 -0.24 3.41 -4.02
N LYS A 17 -1.39 2.78 -3.77
CA LYS A 17 -2.62 3.51 -3.47
C LYS A 17 -3.02 3.28 -2.01
N CYS A 18 -2.03 3.04 -1.16
CA CYS A 18 -2.29 2.80 0.26
C CYS A 18 -2.55 4.12 0.99
N CYS A 19 -3.04 4.02 2.22
CA CYS A 19 -3.34 5.20 3.02
C CYS A 19 -2.51 5.21 4.30
N ALA A 20 -2.79 6.18 5.17
CA ALA A 20 -2.07 6.29 6.43
C ALA A 20 -0.56 6.29 6.22
N ASN A 21 -0.13 6.76 5.06
CA ASN A 21 1.28 6.82 4.73
C ASN A 21 1.89 5.42 4.70
N LEU A 22 1.07 4.43 4.34
CA LEU A 22 1.51 3.05 4.27
C LEU A 22 2.50 2.85 3.12
N VAL A 23 2.97 1.62 2.95
CA VAL A 23 3.91 1.30 1.88
C VAL A 23 3.50 0.02 1.16
N CYS A 24 3.72 0.00 -0.15
CA CYS A 24 3.38 -1.17 -0.97
C CYS A 24 4.60 -2.06 -1.18
N SER A 25 4.73 -3.09 -0.36
CA SER A 25 5.85 -4.01 -0.47
C SER A 25 5.87 -4.69 -1.84
N SER A 26 6.97 -4.50 -2.56
CA SER A 26 7.13 -5.09 -3.88
C SER A 26 7.25 -6.61 -3.80
N LYS A 27 7.44 -7.11 -2.58
CA LYS A 27 7.56 -8.54 -2.36
C LYS A 27 6.22 -9.17 -2.02
N HIS A 28 5.65 -8.79 -0.88
CA HIS A 28 4.36 -9.31 -0.46
C HIS A 28 3.22 -8.71 -1.28
N LYS A 29 3.51 -7.60 -1.95
CA LYS A 29 2.52 -6.93 -2.79
C LYS A 29 1.29 -6.55 -1.97
N TRP A 30 1.51 -5.72 -0.95
CA TRP A 30 0.42 -5.28 -0.09
C TRP A 30 0.80 -4.01 0.66
N CYS A 31 -0.18 -3.38 1.30
CA CYS A 31 0.05 -2.15 2.06
C CYS A 31 0.53 -2.48 3.47
N LYS A 32 1.84 -2.60 3.64
CA LYS A 32 2.42 -2.91 4.94
C LYS A 32 3.04 -1.65 5.56
N GLY A 33 3.62 -1.82 6.74
CA GLY A 33 4.23 -0.69 7.43
C GLY A 33 5.72 -0.56 7.11
N LYS A 34 6.11 0.60 6.60
CA LYS A 34 7.50 0.85 6.25
C LYS A 34 8.40 0.74 7.48
N LEU A 35 9.08 -0.39 7.60
CA LEU A 35 9.97 -0.62 8.74
C LEU A 35 11.09 0.41 8.77
N GLY A 1 -13.12 13.86 -1.12
CA GLY A 1 -12.52 13.18 -2.25
C GLY A 1 -11.20 12.51 -1.88
N ASN A 2 -11.30 11.28 -1.39
CA ASN A 2 -10.11 10.52 -0.99
C ASN A 2 -10.12 9.14 -1.63
N ASP A 3 -8.97 8.74 -2.16
CA ASP A 3 -8.83 7.42 -2.79
C ASP A 3 -7.54 6.74 -2.37
N CYS A 4 -7.67 5.71 -1.55
CA CYS A 4 -6.51 4.97 -1.06
C CYS A 4 -6.92 3.64 -0.47
N LEU A 5 -5.93 2.85 -0.04
CA LEU A 5 -6.19 1.54 0.55
C LEU A 5 -5.79 1.52 2.03
N GLY A 6 -6.28 0.51 2.74
CA GLY A 6 -5.96 0.39 4.16
C GLY A 6 -4.70 -0.41 4.40
N PHE A 7 -4.63 -1.06 5.55
CA PHE A 7 -3.47 -1.88 5.91
C PHE A 7 -3.60 -3.30 5.36
N TRP A 8 -2.47 -3.93 5.08
CA TRP A 8 -2.47 -5.28 4.55
C TRP A 8 -3.38 -5.40 3.32
N SER A 9 -3.48 -4.31 2.57
CA SER A 9 -4.32 -4.29 1.37
C SER A 9 -3.49 -4.50 0.12
N ALA A 10 -3.83 -5.53 -0.65
CA ALA A 10 -3.10 -5.83 -1.88
C ALA A 10 -3.00 -4.60 -2.77
N CYS A 11 -1.81 -4.39 -3.34
CA CYS A 11 -1.57 -3.26 -4.21
C CYS A 11 -0.49 -3.58 -5.24
N ASN A 12 -0.12 -2.57 -6.03
CA ASN A 12 0.91 -2.75 -7.06
C ASN A 12 2.19 -2.03 -6.67
N PRO A 13 3.34 -2.67 -6.95
CA PRO A 13 4.65 -2.11 -6.64
C PRO A 13 5.00 -0.91 -7.52
N LYS A 14 4.29 -0.78 -8.64
CA LYS A 14 4.52 0.32 -9.57
C LYS A 14 3.53 1.46 -9.31
N ASN A 15 2.44 1.14 -8.64
CA ASN A 15 1.41 2.13 -8.32
C ASN A 15 0.87 1.94 -6.91
N ASP A 16 1.55 2.54 -5.93
CA ASP A 16 1.13 2.43 -4.54
C ASP A 16 -0.04 3.34 -4.25
N LYS A 17 -1.20 2.74 -4.00
CA LYS A 17 -2.42 3.50 -3.71
C LYS A 17 -2.85 3.31 -2.26
N CYS A 18 -1.87 3.06 -1.39
CA CYS A 18 -2.15 2.85 0.02
C CYS A 18 -2.39 4.18 0.73
N CYS A 19 -2.88 4.11 1.96
CA CYS A 19 -3.15 5.31 2.75
C CYS A 19 -2.35 5.31 4.05
N ALA A 20 -2.60 6.30 4.89
CA ALA A 20 -1.91 6.42 6.16
C ALA A 20 -0.40 6.36 5.98
N ASN A 21 0.06 6.82 4.81
CA ASN A 21 1.49 6.84 4.50
C ASN A 21 2.05 5.41 4.49
N LEU A 22 1.21 4.46 4.13
CA LEU A 22 1.63 3.06 4.07
C LEU A 22 2.61 2.83 2.93
N VAL A 23 3.07 1.58 2.78
CA VAL A 23 4.01 1.23 1.73
C VAL A 23 3.58 -0.05 1.02
N CYS A 24 3.81 -0.09 -0.29
CA CYS A 24 3.45 -1.26 -1.09
C CYS A 24 4.65 -2.17 -1.28
N SER A 25 4.75 -3.21 -0.45
CA SER A 25 5.86 -4.15 -0.53
C SER A 25 5.88 -4.85 -1.89
N SER A 26 7.00 -4.69 -2.60
CA SER A 26 7.15 -5.30 -3.92
C SER A 26 7.24 -6.82 -3.81
N LYS A 27 7.40 -7.31 -2.58
CA LYS A 27 7.49 -8.74 -2.34
C LYS A 27 6.13 -9.34 -2.02
N HIS A 28 5.56 -8.91 -0.88
CA HIS A 28 4.25 -9.40 -0.46
C HIS A 28 3.14 -8.79 -1.31
N LYS A 29 3.46 -7.70 -1.99
CA LYS A 29 2.49 -7.02 -2.85
C LYS A 29 1.26 -6.60 -2.05
N TRP A 30 1.48 -5.77 -1.04
CA TRP A 30 0.39 -5.29 -0.19
C TRP A 30 0.80 -4.02 0.55
N CYS A 31 -0.17 -3.37 1.16
CA CYS A 31 0.07 -2.14 1.91
C CYS A 31 0.53 -2.45 3.34
N LYS A 32 1.84 -2.61 3.51
CA LYS A 32 2.40 -2.90 4.82
C LYS A 32 3.04 -1.66 5.43
N GLY A 33 3.60 -1.81 6.63
CA GLY A 33 4.23 -0.70 7.31
C GLY A 33 5.71 -0.60 7.01
N LYS A 34 6.14 0.54 6.49
CA LYS A 34 7.54 0.76 6.16
C LYS A 34 8.41 0.72 7.41
N LEU A 35 9.10 -0.39 7.61
CA LEU A 35 9.97 -0.55 8.77
C LEU A 35 10.94 0.62 8.90
N GLY A 1 -12.18 14.95 -2.56
CA GLY A 1 -12.22 13.54 -2.90
C GLY A 1 -10.97 12.80 -2.47
N ASN A 2 -11.15 11.62 -1.90
CA ASN A 2 -10.03 10.80 -1.44
C ASN A 2 -10.10 9.40 -2.04
N ASP A 3 -8.94 8.77 -2.18
CA ASP A 3 -8.86 7.43 -2.74
C ASP A 3 -7.56 6.74 -2.33
N CYS A 4 -7.67 5.75 -1.45
CA CYS A 4 -6.50 5.03 -0.97
C CYS A 4 -6.92 3.68 -0.36
N LEU A 5 -5.93 2.91 0.06
CA LEU A 5 -6.19 1.60 0.67
C LEU A 5 -5.76 1.60 2.14
N GLY A 6 -6.24 0.59 2.88
CA GLY A 6 -5.89 0.49 4.29
C GLY A 6 -4.63 -0.32 4.51
N PHE A 7 -4.54 -0.97 5.68
CA PHE A 7 -3.38 -1.77 6.01
C PHE A 7 -3.52 -3.19 5.48
N TRP A 8 -2.39 -3.82 5.18
CA TRP A 8 -2.39 -5.19 4.66
C TRP A 8 -3.33 -5.31 3.46
N SER A 9 -3.42 -4.24 2.67
CA SER A 9 -4.28 -4.23 1.49
C SER A 9 -3.46 -4.45 0.22
N ALA A 10 -3.81 -5.48 -0.53
CA ALA A 10 -3.12 -5.79 -1.77
C ALA A 10 -3.02 -4.56 -2.67
N CYS A 11 -1.85 -4.35 -3.24
CA CYS A 11 -1.62 -3.22 -4.13
C CYS A 11 -0.55 -3.53 -5.17
N ASN A 12 -0.20 -2.54 -5.97
CA ASN A 12 0.81 -2.71 -7.01
C ASN A 12 2.11 -1.98 -6.64
N PRO A 13 3.25 -2.61 -6.94
CA PRO A 13 4.56 -2.03 -6.64
C PRO A 13 4.89 -0.84 -7.54
N LYS A 14 4.19 -0.75 -8.67
CA LYS A 14 4.40 0.35 -9.61
C LYS A 14 3.41 1.48 -9.34
N ASN A 15 2.33 1.17 -8.64
CA ASN A 15 1.31 2.17 -8.31
C ASN A 15 0.79 1.97 -6.90
N ASP A 16 1.48 2.57 -5.93
CA ASP A 16 1.09 2.47 -4.54
C ASP A 16 -0.10 3.38 -4.23
N LYS A 17 -1.25 2.78 -3.97
CA LYS A 17 -2.46 3.53 -3.67
C LYS A 17 -2.87 3.35 -2.21
N CYS A 18 -1.88 3.10 -1.35
CA CYS A 18 -2.14 2.91 0.07
C CYS A 18 -2.36 4.24 0.77
N CYS A 19 -2.84 4.19 2.01
CA CYS A 19 -3.10 5.39 2.79
C CYS A 19 -2.29 5.40 4.08
N ALA A 20 -2.53 6.40 4.92
CA ALA A 20 -1.82 6.52 6.19
C ALA A 20 -0.31 6.48 5.97
N ASN A 21 0.13 6.92 4.79
CA ASN A 21 1.56 6.93 4.47
C ASN A 21 2.12 5.52 4.46
N LEU A 22 1.27 4.55 4.11
CA LEU A 22 1.69 3.16 4.06
C LEU A 22 2.66 2.92 2.91
N VAL A 23 3.11 1.67 2.76
CA VAL A 23 4.03 1.32 1.70
C VAL A 23 3.60 0.03 1.00
N CYS A 24 3.82 -0.02 -0.31
CA CYS A 24 3.45 -1.20 -1.09
C CYS A 24 4.65 -2.11 -1.30
N SER A 25 4.75 -3.13 -0.46
CA SER A 25 5.86 -4.09 -0.56
C SER A 25 5.86 -4.79 -1.90
N SER A 26 6.96 -4.64 -2.64
CA SER A 26 7.09 -5.26 -3.96
C SER A 26 7.17 -6.78 -3.84
N LYS A 27 7.35 -7.26 -2.61
CA LYS A 27 7.46 -8.69 -2.35
C LYS A 27 6.10 -9.28 -2.00
N HIS A 28 5.55 -8.86 -0.87
CA HIS A 28 4.25 -9.34 -0.42
C HIS A 28 3.12 -8.74 -1.25
N LYS A 29 3.43 -7.65 -1.96
CA LYS A 29 2.45 -6.97 -2.80
C LYS A 29 1.23 -6.55 -1.98
N TRP A 30 1.48 -5.71 -0.98
CA TRP A 30 0.40 -5.22 -0.12
C TRP A 30 0.81 -3.95 0.60
N CYS A 31 -0.16 -3.29 1.23
CA CYS A 31 0.11 -2.06 1.97
C CYS A 31 0.59 -2.35 3.39
N LYS A 32 1.90 -2.51 3.54
CA LYS A 32 2.49 -2.80 4.84
C LYS A 32 3.13 -1.54 5.44
N GLY A 33 3.71 -1.69 6.62
CA GLY A 33 4.35 -0.57 7.28
C GLY A 33 5.83 -0.47 6.95
N LYS A 34 6.24 0.68 6.44
CA LYS A 34 7.64 0.90 6.07
C LYS A 34 8.54 0.80 7.30
N LEU A 35 9.39 -0.22 7.33
CA LEU A 35 10.31 -0.43 8.44
C LEU A 35 11.40 0.63 8.46
N GLY A 1 -14.41 11.27 -0.77
CA GLY A 1 -13.45 12.27 -0.33
C GLY A 1 -12.06 12.02 -0.88
N ASN A 2 -11.51 10.85 -0.59
CA ASN A 2 -10.17 10.49 -1.05
C ASN A 2 -10.17 9.11 -1.68
N ASP A 3 -9.03 8.71 -2.22
CA ASP A 3 -8.89 7.40 -2.85
C ASP A 3 -7.59 6.72 -2.43
N CYS A 4 -7.71 5.70 -1.58
CA CYS A 4 -6.54 4.98 -1.09
C CYS A 4 -6.95 3.64 -0.49
N LEU A 5 -5.96 2.85 -0.08
CA LEU A 5 -6.22 1.55 0.52
C LEU A 5 -5.82 1.53 1.99
N GLY A 6 -6.29 0.51 2.71
CA GLY A 6 -5.98 0.41 4.13
C GLY A 6 -4.71 -0.40 4.38
N PHE A 7 -4.64 -1.03 5.54
CA PHE A 7 -3.47 -1.83 5.90
C PHE A 7 -3.60 -3.25 5.37
N TRP A 8 -2.46 -3.87 5.09
CA TRP A 8 -2.45 -5.24 4.56
C TRP A 8 -3.35 -5.36 3.34
N SER A 9 -3.45 -4.29 2.57
CA SER A 9 -4.29 -4.28 1.38
C SER A 9 -3.45 -4.48 0.12
N ALA A 10 -3.79 -5.50 -0.65
CA ALA A 10 -3.06 -5.81 -1.88
C ALA A 10 -2.94 -4.57 -2.76
N CYS A 11 -1.77 -4.37 -3.34
CA CYS A 11 -1.52 -3.22 -4.21
C CYS A 11 -0.43 -3.53 -5.22
N ASN A 12 -0.06 -2.53 -6.01
CA ASN A 12 0.98 -2.69 -7.03
C ASN A 12 2.25 -1.96 -6.64
N PRO A 13 3.41 -2.58 -6.90
CA PRO A 13 4.72 -2.00 -6.60
C PRO A 13 5.04 -0.80 -7.47
N LYS A 14 4.35 -0.70 -8.60
CA LYS A 14 4.57 0.40 -9.53
C LYS A 14 3.57 1.52 -9.29
N ASN A 15 2.48 1.20 -8.61
CA ASN A 15 1.45 2.19 -8.31
C ASN A 15 0.90 1.99 -6.90
N ASP A 16 1.56 2.59 -5.91
CA ASP A 16 1.15 2.48 -4.52
C ASP A 16 -0.05 3.39 -4.25
N LYS A 17 -1.21 2.78 -4.01
CA LYS A 17 -2.42 3.53 -3.73
C LYS A 17 -2.85 3.34 -2.27
N CYS A 18 -1.88 3.09 -1.41
CA CYS A 18 -2.17 2.88 0.01
C CYS A 18 -2.41 4.22 0.71
N CYS A 19 -2.92 4.15 1.94
CA CYS A 19 -3.20 5.35 2.72
C CYS A 19 -2.40 5.36 4.03
N ALA A 20 -2.66 6.35 4.86
CA ALA A 20 -1.97 6.47 6.14
C ALA A 20 -0.46 6.44 5.95
N ASN A 21 -0.01 6.88 4.79
CA ASN A 21 1.42 6.91 4.49
C ASN A 21 2.00 5.50 4.48
N LEU A 22 1.17 4.53 4.12
CA LEU A 22 1.59 3.13 4.07
C LEU A 22 2.58 2.90 2.93
N VAL A 23 3.04 1.67 2.79
CA VAL A 23 3.99 1.31 1.74
C VAL A 23 3.58 0.03 1.03
N CYS A 24 3.82 -0.02 -0.27
CA CYS A 24 3.47 -1.19 -1.07
C CYS A 24 4.69 -2.09 -1.25
N SER A 25 4.79 -3.13 -0.42
CA SER A 25 5.89 -4.07 -0.47
C SER A 25 5.93 -4.76 -1.83
N SER A 26 7.05 -4.61 -2.54
CA SER A 26 7.21 -5.22 -3.85
C SER A 26 7.31 -6.74 -3.74
N LYS A 27 7.47 -7.23 -2.51
CA LYS A 27 7.57 -8.66 -2.26
C LYS A 27 6.20 -9.26 -1.94
N HIS A 28 5.63 -8.84 -0.81
CA HIS A 28 4.32 -9.34 -0.39
C HIS A 28 3.22 -8.74 -1.25
N LYS A 29 3.53 -7.64 -1.94
CA LYS A 29 2.56 -6.98 -2.80
C LYS A 29 1.33 -6.56 -2.00
N TRP A 30 1.54 -5.72 -1.00
CA TRP A 30 0.43 -5.24 -0.16
C TRP A 30 0.83 -3.96 0.57
N CYS A 31 -0.16 -3.31 1.19
CA CYS A 31 0.09 -2.08 1.92
C CYS A 31 0.54 -2.38 3.36
N LYS A 32 1.84 -2.53 3.54
CA LYS A 32 2.41 -2.82 4.85
C LYS A 32 3.03 -1.57 5.46
N GLY A 33 3.59 -1.71 6.66
CA GLY A 33 4.21 -0.59 7.34
C GLY A 33 5.68 -0.47 7.04
N LYS A 34 6.10 0.68 6.53
CA LYS A 34 7.51 0.90 6.20
C LYS A 34 8.35 1.05 7.47
N LEU A 35 9.17 0.04 7.73
CA LEU A 35 10.03 0.05 8.92
C LEU A 35 10.84 1.34 9.00
N GLY A 1 -12.93 11.78 -4.96
CA GLY A 1 -12.25 12.32 -3.79
C GLY A 1 -11.12 11.43 -3.31
N ASN A 2 -10.85 11.48 -2.01
CA ASN A 2 -9.79 10.67 -1.43
C ASN A 2 -9.99 9.19 -1.74
N ASP A 3 -8.94 8.55 -2.26
CA ASP A 3 -9.00 7.14 -2.61
C ASP A 3 -7.69 6.43 -2.26
N CYS A 4 -7.72 5.64 -1.19
CA CYS A 4 -6.53 4.91 -0.76
C CYS A 4 -6.91 3.56 -0.15
N LEU A 5 -5.91 2.79 0.25
CA LEU A 5 -6.14 1.49 0.86
C LEU A 5 -5.67 1.46 2.31
N GLY A 6 -6.14 0.48 3.06
CA GLY A 6 -5.76 0.36 4.45
C GLY A 6 -4.49 -0.45 4.65
N PHE A 7 -4.37 -1.10 5.80
CA PHE A 7 -3.19 -1.89 6.11
C PHE A 7 -3.35 -3.31 5.57
N TRP A 8 -2.23 -3.95 5.24
CA TRP A 8 -2.25 -5.31 4.72
C TRP A 8 -3.21 -5.43 3.53
N SER A 9 -3.34 -4.34 2.78
CA SER A 9 -4.23 -4.33 1.62
C SER A 9 -3.45 -4.54 0.33
N ALA A 10 -3.82 -5.57 -0.42
CA ALA A 10 -3.15 -5.89 -1.67
C ALA A 10 -3.08 -4.66 -2.57
N CYS A 11 -1.92 -4.46 -3.20
CA CYS A 11 -1.71 -3.32 -4.09
C CYS A 11 -0.68 -3.64 -5.16
N ASN A 12 -0.34 -2.65 -5.97
CA ASN A 12 0.63 -2.82 -7.03
C ASN A 12 1.94 -2.10 -6.70
N PRO A 13 3.07 -2.74 -7.03
CA PRO A 13 4.39 -2.17 -6.78
C PRO A 13 4.70 -0.97 -7.68
N LYS A 14 3.95 -0.86 -8.77
CA LYS A 14 4.14 0.24 -9.71
C LYS A 14 3.16 1.38 -9.42
N ASN A 15 2.10 1.06 -8.68
CA ASN A 15 1.09 2.06 -8.33
C ASN A 15 0.61 1.86 -6.89
N ASP A 16 1.32 2.47 -5.95
CA ASP A 16 0.97 2.37 -4.54
C ASP A 16 -0.21 3.28 -4.20
N LYS A 17 -1.35 2.69 -3.91
CA LYS A 17 -2.55 3.45 -3.58
C LYS A 17 -2.92 3.25 -2.10
N CYS A 18 -1.91 3.00 -1.28
CA CYS A 18 -2.13 2.80 0.15
C CYS A 18 -2.34 4.13 0.87
N CYS A 19 -2.79 4.07 2.11
CA CYS A 19 -3.04 5.27 2.90
C CYS A 19 -2.18 5.28 4.16
N ALA A 20 -2.40 6.27 5.02
CA ALA A 20 -1.65 6.39 6.26
C ALA A 20 -0.15 6.35 6.00
N ASN A 21 0.25 6.80 4.82
CA ASN A 21 1.67 6.81 4.45
C ASN A 21 2.23 5.40 4.42
N LEU A 22 1.38 4.44 4.10
CA LEU A 22 1.81 3.04 4.03
C LEU A 22 2.74 2.80 2.85
N VAL A 23 3.19 1.57 2.69
CA VAL A 23 4.09 1.21 1.60
C VAL A 23 3.64 -0.07 0.91
N CYS A 24 3.81 -0.12 -0.41
CA CYS A 24 3.43 -1.30 -1.18
C CYS A 24 4.63 -2.22 -1.42
N SER A 25 4.76 -3.24 -0.59
CA SER A 25 5.86 -4.18 -0.71
C SER A 25 5.83 -4.89 -2.07
N SER A 26 6.91 -4.73 -2.82
CA SER A 26 7.00 -5.35 -4.15
C SER A 26 7.11 -6.87 -4.03
N LYS A 27 7.32 -7.35 -2.81
CA LYS A 27 7.42 -8.79 -2.56
C LYS A 27 6.07 -9.38 -2.18
N HIS A 28 5.55 -8.96 -1.03
CA HIS A 28 4.27 -9.44 -0.55
C HIS A 28 3.12 -8.84 -1.36
N LYS A 29 3.41 -7.74 -2.05
CA LYS A 29 2.40 -7.07 -2.87
C LYS A 29 1.21 -6.64 -2.03
N TRP A 30 1.47 -5.81 -1.03
CA TRP A 30 0.41 -5.33 -0.14
C TRP A 30 0.84 -4.05 0.58
N CYS A 31 -0.11 -3.40 1.23
CA CYS A 31 0.17 -2.17 1.97
C CYS A 31 0.70 -2.47 3.36
N LYS A 32 2.01 -2.62 3.49
CA LYS A 32 2.63 -2.92 4.77
C LYS A 32 3.29 -1.67 5.35
N GLY A 33 3.90 -1.82 6.52
CA GLY A 33 4.56 -0.69 7.17
C GLY A 33 6.02 -0.59 6.81
N LYS A 34 6.42 0.55 6.26
CA LYS A 34 7.81 0.77 5.87
C LYS A 34 8.70 0.95 7.09
N LEU A 35 9.50 -0.06 7.39
CA LEU A 35 10.40 -0.01 8.54
C LEU A 35 11.80 0.38 8.11
N GLY A 1 -12.70 14.21 -3.44
CA GLY A 1 -12.78 12.84 -2.96
C GLY A 1 -11.44 12.12 -3.04
N ASN A 2 -11.09 11.42 -1.97
CA ASN A 2 -9.84 10.69 -1.91
C ASN A 2 -10.06 9.19 -2.10
N ASP A 3 -9.03 8.49 -2.57
CA ASP A 3 -9.13 7.05 -2.79
C ASP A 3 -7.81 6.36 -2.42
N CYS A 4 -7.85 5.57 -1.35
CA CYS A 4 -6.66 4.86 -0.89
C CYS A 4 -7.04 3.51 -0.28
N LEU A 5 -6.04 2.75 0.13
CA LEU A 5 -6.27 1.45 0.73
C LEU A 5 -5.82 1.44 2.20
N GLY A 6 -6.30 0.45 2.95
CA GLY A 6 -5.95 0.34 4.35
C GLY A 6 -4.68 -0.45 4.57
N PHE A 7 -4.58 -1.09 5.73
CA PHE A 7 -3.40 -1.89 6.06
C PHE A 7 -3.54 -3.31 5.53
N TRP A 8 -2.41 -3.94 5.23
CA TRP A 8 -2.41 -5.31 4.72
C TRP A 8 -3.35 -5.44 3.52
N SER A 9 -3.48 -4.36 2.76
CA SER A 9 -4.34 -4.36 1.58
C SER A 9 -3.52 -4.57 0.31
N ALA A 10 -3.87 -5.62 -0.43
CA ALA A 10 -3.19 -5.93 -1.68
C ALA A 10 -3.10 -4.72 -2.59
N CYS A 11 -1.93 -4.50 -3.19
CA CYS A 11 -1.72 -3.38 -4.09
C CYS A 11 -0.67 -3.70 -5.14
N ASN A 12 -0.32 -2.70 -5.95
CA ASN A 12 0.68 -2.88 -6.99
C ASN A 12 1.98 -2.14 -6.64
N PRO A 13 3.11 -2.78 -6.94
CA PRO A 13 4.43 -2.20 -6.66
C PRO A 13 4.74 -1.01 -7.57
N LYS A 14 4.01 -0.90 -8.68
CA LYS A 14 4.21 0.20 -9.61
C LYS A 14 3.21 1.32 -9.35
N ASN A 15 2.14 1.00 -8.64
CA ASN A 15 1.11 1.99 -8.32
C ASN A 15 0.61 1.80 -6.88
N ASP A 16 1.30 2.43 -5.94
CA ASP A 16 0.92 2.33 -4.54
C ASP A 16 -0.26 3.25 -4.22
N LYS A 17 -1.41 2.64 -3.94
CA LYS A 17 -2.61 3.41 -3.63
C LYS A 17 -3.01 3.23 -2.17
N CYS A 18 -2.02 2.97 -1.32
CA CYS A 18 -2.26 2.78 0.11
C CYS A 18 -2.49 4.12 0.81
N CYS A 19 -2.97 4.05 2.04
CA CYS A 19 -3.23 5.26 2.83
C CYS A 19 -2.40 5.27 4.10
N ALA A 20 -2.63 6.28 4.94
CA ALA A 20 -1.91 6.41 6.19
C ALA A 20 -0.40 6.38 5.97
N ASN A 21 0.02 6.82 4.78
CA ASN A 21 1.44 6.84 4.43
C ASN A 21 2.02 5.43 4.43
N LEU A 22 1.18 4.46 4.10
CA LEU A 22 1.60 3.06 4.05
C LEU A 22 2.57 2.83 2.89
N VAL A 23 3.03 1.59 2.75
CA VAL A 23 3.95 1.24 1.68
C VAL A 23 3.52 -0.06 0.99
N CYS A 24 3.72 -0.12 -0.33
CA CYS A 24 3.35 -1.29 -1.10
C CYS A 24 4.55 -2.21 -1.32
N SER A 25 4.68 -3.23 -0.47
CA SER A 25 5.79 -4.17 -0.57
C SER A 25 5.79 -4.87 -1.92
N SER A 26 6.88 -4.73 -2.66
CA SER A 26 7.01 -5.34 -3.98
C SER A 26 7.11 -6.87 -3.85
N LYS A 27 7.30 -7.34 -2.62
CA LYS A 27 7.42 -8.77 -2.36
C LYS A 27 6.06 -9.36 -2.00
N HIS A 28 5.52 -8.94 -0.86
CA HIS A 28 4.23 -9.43 -0.40
C HIS A 28 3.09 -8.84 -1.23
N LYS A 29 3.39 -7.75 -1.94
CA LYS A 29 2.40 -7.09 -2.77
C LYS A 29 1.18 -6.67 -1.95
N TRP A 30 1.42 -5.82 -0.95
CA TRP A 30 0.34 -5.34 -0.09
C TRP A 30 0.75 -4.06 0.63
N CYS A 31 -0.21 -3.41 1.27
CA CYS A 31 0.05 -2.17 1.99
C CYS A 31 0.54 -2.46 3.41
N LYS A 32 1.86 -2.60 3.56
CA LYS A 32 2.46 -2.88 4.85
C LYS A 32 3.09 -1.63 5.43
N GLY A 33 3.68 -1.77 6.62
CA GLY A 33 4.32 -0.63 7.27
C GLY A 33 5.80 -0.53 6.94
N LYS A 34 6.20 0.61 6.38
CA LYS A 34 7.59 0.83 6.01
C LYS A 34 8.49 0.73 7.24
N LEU A 35 9.27 -0.35 7.30
CA LEU A 35 10.19 -0.56 8.41
C LEU A 35 11.55 0.07 8.13
N GLY A 1 -13.16 13.19 0.57
CA GLY A 1 -13.11 12.65 -0.78
C GLY A 1 -11.71 12.20 -1.16
N ASN A 2 -11.47 10.90 -1.10
CA ASN A 2 -10.17 10.33 -1.44
C ASN A 2 -10.29 8.85 -1.79
N ASP A 3 -9.27 8.33 -2.46
CA ASP A 3 -9.26 6.93 -2.85
C ASP A 3 -7.93 6.27 -2.48
N CYS A 4 -7.96 5.46 -1.43
CA CYS A 4 -6.76 4.76 -0.97
C CYS A 4 -7.11 3.41 -0.35
N LEU A 5 -6.10 2.67 0.06
CA LEU A 5 -6.30 1.36 0.67
C LEU A 5 -5.87 1.36 2.13
N GLY A 6 -6.32 0.36 2.88
CA GLY A 6 -5.97 0.27 4.29
C GLY A 6 -4.68 -0.50 4.51
N PHE A 7 -4.57 -1.13 5.67
CA PHE A 7 -3.39 -1.91 6.00
C PHE A 7 -3.50 -3.34 5.48
N TRP A 8 -2.36 -3.95 5.18
CA TRP A 8 -2.33 -5.31 4.67
C TRP A 8 -3.26 -5.46 3.47
N SER A 9 -3.41 -4.39 2.70
CA SER A 9 -4.28 -4.40 1.53
C SER A 9 -3.47 -4.61 0.26
N ALA A 10 -3.80 -5.65 -0.50
CA ALA A 10 -3.10 -5.96 -1.74
C ALA A 10 -3.03 -4.73 -2.64
N CYS A 11 -1.87 -4.52 -3.26
CA CYS A 11 -1.67 -3.38 -4.15
C CYS A 11 -0.61 -3.69 -5.19
N ASN A 12 -0.28 -2.69 -6.00
CA ASN A 12 0.73 -2.85 -7.05
C ASN A 12 2.00 -2.09 -6.69
N PRO A 13 3.16 -2.71 -7.00
CA PRO A 13 4.48 -2.11 -6.72
C PRO A 13 4.77 -0.91 -7.62
N LYS A 14 4.02 -0.81 -8.73
CA LYS A 14 4.20 0.28 -9.67
C LYS A 14 3.19 1.39 -9.41
N ASN A 15 2.12 1.05 -8.70
CA ASN A 15 1.08 2.02 -8.38
C ASN A 15 0.58 1.83 -6.95
N ASP A 16 1.25 2.46 -5.99
CA ASP A 16 0.88 2.37 -4.59
C ASP A 16 -0.32 3.27 -4.29
N LYS A 17 -1.46 2.64 -4.01
CA LYS A 17 -2.67 3.38 -3.70
C LYS A 17 -3.08 3.19 -2.23
N CYS A 18 -2.08 2.96 -1.39
CA CYS A 18 -2.32 2.76 0.04
C CYS A 18 -2.58 4.10 0.74
N CYS A 19 -3.05 4.02 1.98
CA CYS A 19 -3.34 5.23 2.75
C CYS A 19 -2.51 5.27 4.03
N ALA A 20 -2.77 6.26 4.86
CA ALA A 20 -2.04 6.41 6.12
C ALA A 20 -0.53 6.40 5.89
N ASN A 21 -0.12 6.86 4.71
CA ASN A 21 1.29 6.90 4.36
C ASN A 21 1.90 5.50 4.35
N LEU A 22 1.08 4.51 4.02
CA LEU A 22 1.54 3.12 3.99
C LEU A 22 2.50 2.90 2.83
N VAL A 23 2.98 1.68 2.69
CA VAL A 23 3.91 1.33 1.62
C VAL A 23 3.51 0.03 0.93
N CYS A 24 3.70 -0.03 -0.38
CA CYS A 24 3.37 -1.22 -1.15
C CYS A 24 4.59 -2.10 -1.36
N SER A 25 4.73 -3.12 -0.51
CA SER A 25 5.86 -4.04 -0.61
C SER A 25 5.88 -4.75 -1.95
N SER A 26 6.96 -4.58 -2.69
CA SER A 26 7.10 -5.20 -4.00
C SER A 26 7.23 -6.72 -3.87
N LYS A 27 7.44 -7.18 -2.64
CA LYS A 27 7.57 -8.61 -2.38
C LYS A 27 6.23 -9.24 -2.01
N HIS A 28 5.68 -8.82 -0.88
CA HIS A 28 4.39 -9.33 -0.42
C HIS A 28 3.25 -8.76 -1.25
N LYS A 29 3.52 -7.67 -1.96
CA LYS A 29 2.52 -7.04 -2.80
C LYS A 29 1.30 -6.63 -1.98
N TRP A 30 1.52 -5.78 -0.99
CA TRP A 30 0.44 -5.32 -0.13
C TRP A 30 0.82 -4.02 0.58
N CYS A 31 -0.16 -3.39 1.22
CA CYS A 31 0.07 -2.14 1.93
C CYS A 31 0.57 -2.42 3.35
N LYS A 32 1.89 -2.54 3.50
CA LYS A 32 2.49 -2.80 4.80
C LYS A 32 3.09 -1.53 5.39
N GLY A 33 3.69 -1.66 6.57
CA GLY A 33 4.31 -0.51 7.21
C GLY A 33 5.78 -0.37 6.86
N LYS A 34 6.15 0.79 6.33
CA LYS A 34 7.53 1.04 5.95
C LYS A 34 8.39 1.35 7.18
N LEU A 35 9.31 0.45 7.48
CA LEU A 35 10.19 0.62 8.63
C LEU A 35 10.88 1.97 8.60
N GLY A 1 -11.93 14.57 -3.63
CA GLY A 1 -11.90 13.16 -4.01
C GLY A 1 -10.74 12.41 -3.38
N ASN A 2 -11.07 11.48 -2.49
CA ASN A 2 -10.05 10.70 -1.81
C ASN A 2 -10.25 9.21 -2.05
N ASP A 3 -9.16 8.50 -2.35
CA ASP A 3 -9.23 7.07 -2.60
C ASP A 3 -7.91 6.39 -2.26
N CYS A 4 -7.91 5.58 -1.20
CA CYS A 4 -6.71 4.87 -0.77
C CYS A 4 -7.07 3.52 -0.17
N LEU A 5 -6.05 2.76 0.21
CA LEU A 5 -6.25 1.44 0.79
C LEU A 5 -5.80 1.42 2.26
N GLY A 6 -6.26 0.41 3.00
CA GLY A 6 -5.88 0.29 4.40
C GLY A 6 -4.60 -0.49 4.59
N PHE A 7 -4.48 -1.14 5.75
CA PHE A 7 -3.29 -1.92 6.05
C PHE A 7 -3.42 -3.35 5.51
N TRP A 8 -2.28 -3.94 5.19
CA TRP A 8 -2.27 -5.31 4.65
C TRP A 8 -3.22 -5.44 3.46
N SER A 9 -3.37 -4.35 2.71
CA SER A 9 -4.25 -4.33 1.54
C SER A 9 -3.44 -4.52 0.26
N ALA A 10 -3.79 -5.55 -0.50
CA ALA A 10 -3.11 -5.84 -1.77
C ALA A 10 -3.04 -4.59 -2.65
N CYS A 11 -1.88 -4.37 -3.25
CA CYS A 11 -1.68 -3.22 -4.12
C CYS A 11 -0.63 -3.51 -5.18
N ASN A 12 -0.29 -2.50 -5.97
CA ASN A 12 0.70 -2.65 -7.02
C ASN A 12 1.99 -1.90 -6.68
N PRO A 13 3.14 -2.51 -6.99
CA PRO A 13 4.45 -1.92 -6.73
C PRO A 13 4.74 -0.71 -7.61
N LYS A 14 3.99 -0.60 -8.71
CA LYS A 14 4.16 0.51 -9.63
C LYS A 14 3.17 1.63 -9.34
N ASN A 15 2.09 1.28 -8.63
CA ASN A 15 1.06 2.26 -8.29
C ASN A 15 0.58 2.04 -6.85
N ASP A 16 1.26 2.65 -5.90
CA ASP A 16 0.90 2.53 -4.49
C ASP A 16 -0.30 3.42 -4.16
N LYS A 17 -1.44 2.80 -3.89
CA LYS A 17 -2.66 3.53 -3.56
C LYS A 17 -3.04 3.33 -2.10
N CYS A 18 -2.04 3.06 -1.26
CA CYS A 18 -2.27 2.84 0.16
C CYS A 18 -2.52 4.16 0.89
N CYS A 19 -2.98 4.07 2.13
CA CYS A 19 -3.26 5.27 2.93
C CYS A 19 -2.41 5.28 4.20
N ALA A 20 -2.66 6.26 5.05
CA ALA A 20 -1.92 6.38 6.31
C ALA A 20 -0.42 6.39 6.06
N ASN A 21 -0.01 6.85 4.88
CA ASN A 21 1.40 6.90 4.52
C ASN A 21 2.00 5.50 4.49
N LEU A 22 1.17 4.51 4.15
CA LEU A 22 1.62 3.13 4.09
C LEU A 22 2.59 2.93 2.92
N VAL A 23 3.06 1.69 2.75
CA VAL A 23 3.97 1.37 1.67
C VAL A 23 3.56 0.08 0.97
N CYS A 24 3.76 0.04 -0.35
CA CYS A 24 3.40 -1.13 -1.14
C CYS A 24 4.62 -2.02 -1.37
N SER A 25 4.76 -3.05 -0.55
CA SER A 25 5.89 -3.98 -0.66
C SER A 25 5.88 -4.67 -2.02
N SER A 26 6.97 -4.49 -2.76
CA SER A 26 7.10 -5.09 -4.09
C SER A 26 7.23 -6.60 -3.98
N LYS A 27 7.44 -7.09 -2.77
CA LYS A 27 7.57 -8.53 -2.52
C LYS A 27 6.22 -9.14 -2.17
N HIS A 28 5.68 -8.75 -1.02
CA HIS A 28 4.40 -9.27 -0.56
C HIS A 28 3.25 -8.68 -1.38
N LYS A 29 3.53 -7.58 -2.07
CA LYS A 29 2.52 -6.92 -2.89
C LYS A 29 1.30 -6.53 -2.06
N TRP A 30 1.53 -5.68 -1.05
CA TRP A 30 0.46 -5.24 -0.17
C TRP A 30 0.85 -3.96 0.56
N CYS A 31 -0.12 -3.33 1.21
CA CYS A 31 0.12 -2.10 1.95
C CYS A 31 0.64 -2.40 3.36
N LYS A 32 1.95 -2.53 3.49
CA LYS A 32 2.56 -2.81 4.78
C LYS A 32 3.18 -1.56 5.38
N GLY A 33 3.78 -1.70 6.56
CA GLY A 33 4.41 -0.58 7.23
C GLY A 33 5.88 -0.42 6.87
N LYS A 34 6.24 0.74 6.35
CA LYS A 34 7.62 1.00 5.96
C LYS A 34 8.49 1.25 7.18
N LEU A 35 9.38 0.30 7.48
CA LEU A 35 10.27 0.42 8.62
C LEU A 35 11.61 1.02 8.20
N GLY A 1 -14.25 12.18 -2.95
CA GLY A 1 -13.29 12.43 -1.89
C GLY A 1 -11.94 11.80 -2.16
N ASN A 2 -11.27 11.34 -1.10
CA ASN A 2 -9.98 10.72 -1.24
C ASN A 2 -10.10 9.27 -1.68
N ASP A 3 -9.01 8.71 -2.21
CA ASP A 3 -9.01 7.32 -2.67
C ASP A 3 -7.70 6.63 -2.30
N CYS A 4 -7.78 5.70 -1.35
CA CYS A 4 -6.60 4.97 -0.90
C CYS A 4 -7.00 3.63 -0.29
N LEU A 5 -6.00 2.85 0.11
CA LEU A 5 -6.25 1.54 0.71
C LEU A 5 -5.80 1.52 2.16
N GLY A 6 -6.26 0.52 2.91
CA GLY A 6 -5.90 0.41 4.31
C GLY A 6 -4.64 -0.41 4.52
N PHE A 7 -4.54 -1.05 5.68
CA PHE A 7 -3.36 -1.86 6.00
C PHE A 7 -3.53 -3.28 5.47
N TRP A 8 -2.41 -3.92 5.15
CA TRP A 8 -2.43 -5.28 4.63
C TRP A 8 -3.37 -5.39 3.43
N SER A 9 -3.51 -4.30 2.68
CA SER A 9 -4.38 -4.28 1.51
C SER A 9 -3.58 -4.51 0.24
N ALA A 10 -3.95 -5.54 -0.52
CA ALA A 10 -3.27 -5.85 -1.76
C ALA A 10 -3.18 -4.63 -2.67
N CYS A 11 -2.02 -4.43 -3.28
CA CYS A 11 -1.80 -3.30 -4.16
C CYS A 11 -0.76 -3.63 -5.23
N ASN A 12 -0.41 -2.64 -6.04
CA ASN A 12 0.58 -2.83 -7.10
C ASN A 12 1.89 -2.10 -6.75
N PRO A 13 3.02 -2.75 -7.07
CA PRO A 13 4.35 -2.19 -6.80
C PRO A 13 4.66 -1.00 -7.70
N LYS A 14 3.93 -0.88 -8.80
CA LYS A 14 4.13 0.22 -9.75
C LYS A 14 3.15 1.36 -9.47
N ASN A 15 2.09 1.05 -8.74
CA ASN A 15 1.08 2.05 -8.39
C ASN A 15 0.59 1.86 -6.96
N ASP A 16 1.29 2.47 -6.02
CA ASP A 16 0.92 2.37 -4.61
C ASP A 16 -0.24 3.30 -4.28
N LYS A 17 -1.41 2.71 -4.01
CA LYS A 17 -2.60 3.49 -3.68
C LYS A 17 -2.98 3.29 -2.21
N CYS A 18 -1.98 3.04 -1.37
CA CYS A 18 -2.22 2.84 0.05
C CYS A 18 -2.43 4.17 0.76
N CYS A 19 -2.89 4.11 2.01
CA CYS A 19 -3.14 5.31 2.80
C CYS A 19 -2.30 5.31 4.06
N ALA A 20 -2.52 6.31 4.92
CA ALA A 20 -1.78 6.42 6.17
C ALA A 20 -0.27 6.37 5.92
N ASN A 21 0.14 6.82 4.74
CA ASN A 21 1.55 6.83 4.38
C ASN A 21 2.12 5.42 4.36
N LEU A 22 1.26 4.45 4.03
CA LEU A 22 1.68 3.05 3.98
C LEU A 22 2.63 2.81 2.81
N VAL A 23 3.07 1.57 2.65
CA VAL A 23 3.98 1.20 1.57
C VAL A 23 3.53 -0.07 0.88
N CYS A 24 3.72 -0.13 -0.44
CA CYS A 24 3.33 -1.30 -1.22
C CYS A 24 4.52 -2.22 -1.44
N SER A 25 4.64 -3.25 -0.61
CA SER A 25 5.74 -4.20 -0.72
C SER A 25 5.72 -4.90 -2.07
N SER A 26 6.81 -4.76 -2.83
CA SER A 26 6.91 -5.37 -4.14
C SER A 26 7.00 -6.89 -4.03
N LYS A 27 7.20 -7.37 -2.80
CA LYS A 27 7.29 -8.81 -2.56
C LYS A 27 5.93 -9.39 -2.18
N HIS A 28 5.41 -8.97 -1.04
CA HIS A 28 4.12 -9.44 -0.57
C HIS A 28 2.99 -8.84 -1.40
N LYS A 29 3.29 -7.75 -2.09
CA LYS A 29 2.29 -7.07 -2.91
C LYS A 29 1.10 -6.64 -2.08
N TRP A 30 1.35 -5.80 -1.08
CA TRP A 30 0.28 -5.31 -0.21
C TRP A 30 0.71 -4.05 0.51
N CYS A 31 -0.24 -3.38 1.16
CA CYS A 31 0.05 -2.15 1.90
C CYS A 31 0.55 -2.45 3.31
N LYS A 32 1.85 -2.61 3.44
CA LYS A 32 2.47 -2.91 4.73
C LYS A 32 3.12 -1.66 5.32
N GLY A 33 3.72 -1.81 6.50
CA GLY A 33 4.37 -0.69 7.15
C GLY A 33 5.84 -0.59 6.79
N LYS A 34 6.24 0.55 6.24
CA LYS A 34 7.62 0.77 5.86
C LYS A 34 8.50 1.02 7.08
N LEU A 35 9.36 0.06 7.38
CA LEU A 35 10.26 0.17 8.53
C LEU A 35 11.03 1.49 8.49
N GLY A 1 -13.46 11.97 0.88
CA GLY A 1 -13.11 12.54 -0.40
C GLY A 1 -11.70 12.20 -0.83
N ASN A 2 -11.31 10.94 -0.63
CA ASN A 2 -9.97 10.48 -0.99
C ASN A 2 -10.01 9.08 -1.57
N ASP A 3 -8.94 8.69 -2.25
CA ASP A 3 -8.85 7.37 -2.85
C ASP A 3 -7.55 6.67 -2.45
N CYS A 4 -7.65 5.71 -1.55
CA CYS A 4 -6.49 4.97 -1.08
C CYS A 4 -6.90 3.64 -0.45
N LEU A 5 -5.91 2.85 -0.05
CA LEU A 5 -6.17 1.55 0.57
C LEU A 5 -5.73 1.55 2.03
N GLY A 6 -6.22 0.57 2.78
CA GLY A 6 -5.87 0.46 4.18
C GLY A 6 -4.62 -0.37 4.41
N PHE A 7 -4.53 -0.99 5.58
CA PHE A 7 -3.37 -1.82 5.92
C PHE A 7 -3.54 -3.23 5.39
N TRP A 8 -2.42 -3.88 5.09
CA TRP A 8 -2.44 -5.25 4.57
C TRP A 8 -3.39 -5.36 3.38
N SER A 9 -3.45 -4.31 2.58
CA SER A 9 -4.31 -4.29 1.40
C SER A 9 -3.51 -4.53 0.13
N ALA A 10 -3.88 -5.56 -0.61
CA ALA A 10 -3.19 -5.88 -1.86
C ALA A 10 -3.08 -4.66 -2.76
N CYS A 11 -1.90 -4.46 -3.34
CA CYS A 11 -1.66 -3.32 -4.23
C CYS A 11 -0.59 -3.67 -5.26
N ASN A 12 -0.23 -2.67 -6.06
CA ASN A 12 0.79 -2.87 -7.10
C ASN A 12 2.07 -2.14 -6.74
N PRO A 13 3.22 -2.79 -7.03
CA PRO A 13 4.53 -2.22 -6.76
C PRO A 13 4.86 -1.04 -7.65
N LYS A 14 4.15 -0.94 -8.77
CA LYS A 14 4.37 0.15 -9.71
C LYS A 14 3.40 1.30 -9.46
N ASN A 15 2.31 1.00 -8.76
CA ASN A 15 1.31 2.00 -8.44
C ASN A 15 0.78 1.83 -7.02
N ASP A 16 1.48 2.42 -6.06
CA ASP A 16 1.09 2.33 -4.66
C ASP A 16 -0.09 3.26 -4.36
N LYS A 17 -1.25 2.66 -4.09
CA LYS A 17 -2.45 3.44 -3.79
C LYS A 17 -2.84 3.27 -2.33
N CYS A 18 -1.86 2.99 -1.48
CA CYS A 18 -2.11 2.82 -0.05
C CYS A 18 -2.33 4.16 0.64
N CYS A 19 -2.79 4.11 1.88
CA CYS A 19 -3.05 5.33 2.65
C CYS A 19 -2.22 5.34 3.94
N ALA A 20 -2.45 6.35 4.77
CA ALA A 20 -1.73 6.47 6.03
C ALA A 20 -0.22 6.41 5.82
N ASN A 21 0.21 6.83 4.64
CA ASN A 21 1.63 6.83 4.30
C ASN A 21 2.19 5.42 4.30
N LEU A 22 1.34 4.46 3.97
CA LEU A 22 1.74 3.05 3.93
C LEU A 22 2.70 2.80 2.78
N VAL A 23 3.13 1.54 2.64
CA VAL A 23 4.06 1.17 1.57
C VAL A 23 3.61 -0.11 0.88
N CYS A 24 3.81 -0.18 -0.43
CA CYS A 24 3.43 -1.34 -1.21
C CYS A 24 4.63 -2.28 -1.42
N SER A 25 4.72 -3.31 -0.58
CA SER A 25 5.81 -4.26 -0.66
C SER A 25 5.80 -4.98 -2.01
N SER A 26 6.90 -4.84 -2.74
CA SER A 26 7.03 -5.46 -4.05
C SER A 26 7.10 -6.99 -3.93
N LYS A 27 7.27 -7.46 -2.70
CA LYS A 27 7.37 -8.90 -2.45
C LYS A 27 5.99 -9.46 -2.09
N HIS A 28 5.46 -9.03 -0.95
CA HIS A 28 4.15 -9.50 -0.50
C HIS A 28 3.04 -8.90 -1.34
N LYS A 29 3.35 -7.81 -2.04
CA LYS A 29 2.38 -7.13 -2.88
C LYS A 29 1.17 -6.68 -2.07
N TRP A 30 1.41 -5.84 -1.07
CA TRP A 30 0.34 -5.34 -0.21
C TRP A 30 0.77 -4.07 0.50
N CYS A 31 -0.19 -3.40 1.14
CA CYS A 31 0.09 -2.17 1.86
C CYS A 31 0.57 -2.46 3.28
N LYS A 32 1.87 -2.62 3.43
CA LYS A 32 2.47 -2.91 4.74
C LYS A 32 3.12 -1.67 5.32
N GLY A 33 3.71 -1.82 6.51
CA GLY A 33 4.36 -0.69 7.16
C GLY A 33 5.84 -0.61 6.83
N LYS A 34 6.27 0.54 6.30
CA LYS A 34 7.66 0.74 5.94
C LYS A 34 8.54 0.85 7.19
N LEU A 35 9.40 -0.14 7.39
CA LEU A 35 10.29 -0.16 8.54
C LEU A 35 11.67 0.38 8.16
N GLY A 1 -12.94 13.63 -1.36
CA GLY A 1 -12.92 12.78 -2.54
C GLY A 1 -11.58 12.10 -2.74
N ASN A 2 -11.17 11.31 -1.75
CA ASN A 2 -9.89 10.60 -1.83
C ASN A 2 -10.12 9.10 -2.00
N ASP A 3 -9.14 8.42 -2.58
CA ASP A 3 -9.23 6.98 -2.79
C ASP A 3 -7.91 6.30 -2.44
N CYS A 4 -7.92 5.59 -1.32
CA CYS A 4 -6.72 4.87 -0.86
C CYS A 4 -7.09 3.52 -0.26
N LEU A 5 -6.08 2.76 0.13
CA LEU A 5 -6.29 1.45 0.73
C LEU A 5 -5.86 1.42 2.18
N GLY A 6 -6.33 0.43 2.92
CA GLY A 6 -5.98 0.32 4.33
C GLY A 6 -4.70 -0.48 4.55
N PHE A 7 -4.60 -1.12 5.70
CA PHE A 7 -3.42 -1.92 6.03
C PHE A 7 -3.55 -3.34 5.48
N TRP A 8 -2.42 -3.95 5.16
CA TRP A 8 -2.41 -5.31 4.63
C TRP A 8 -3.35 -5.43 3.44
N SER A 9 -3.44 -4.36 2.65
CA SER A 9 -4.31 -4.35 1.47
C SER A 9 -3.50 -4.54 0.20
N ALA A 10 -3.83 -5.58 -0.57
CA ALA A 10 -3.14 -5.88 -1.81
C ALA A 10 -3.07 -4.64 -2.70
N CYS A 11 -1.88 -4.40 -3.27
CA CYS A 11 -1.68 -3.25 -4.15
C CYS A 11 -0.61 -3.55 -5.20
N ASN A 12 -0.28 -2.54 -5.99
CA ASN A 12 0.74 -2.69 -7.03
C ASN A 12 2.01 -1.94 -6.66
N PRO A 13 3.17 -2.56 -6.97
CA PRO A 13 4.47 -1.97 -6.68
C PRO A 13 4.78 -0.76 -7.56
N LYS A 14 4.06 -0.65 -8.67
CA LYS A 14 4.24 0.46 -9.59
C LYS A 14 3.23 1.57 -9.33
N ASN A 15 2.16 1.23 -8.62
CA ASN A 15 1.12 2.21 -8.28
C ASN A 15 0.61 1.99 -6.86
N ASP A 16 1.30 2.60 -5.89
CA ASP A 16 0.91 2.48 -4.50
C ASP A 16 -0.27 3.39 -4.18
N LYS A 17 -1.43 2.76 -3.91
CA LYS A 17 -2.64 3.51 -3.60
C LYS A 17 -3.04 3.31 -2.13
N CYS A 18 -2.05 3.05 -1.29
CA CYS A 18 -2.30 2.82 0.13
C CYS A 18 -2.54 4.15 0.85
N CYS A 19 -3.03 4.06 2.08
CA CYS A 19 -3.32 5.25 2.88
C CYS A 19 -2.49 5.26 4.16
N ALA A 20 -2.74 6.25 5.01
CA ALA A 20 -2.02 6.37 6.27
C ALA A 20 -0.51 6.36 6.04
N ASN A 21 -0.09 6.82 4.88
CA ASN A 21 1.32 6.87 4.54
C ASN A 21 1.92 5.46 4.51
N LEU A 22 1.09 4.48 4.17
CA LEU A 22 1.54 3.09 4.10
C LEU A 22 2.51 2.89 2.95
N VAL A 23 2.98 1.65 2.78
CA VAL A 23 3.91 1.32 1.71
C VAL A 23 3.49 0.03 1.00
N CYS A 24 3.71 -0.01 -0.30
CA CYS A 24 3.35 -1.17 -1.11
C CYS A 24 4.57 -2.07 -1.32
N SER A 25 4.69 -3.11 -0.50
CA SER A 25 5.80 -4.04 -0.59
C SER A 25 5.82 -4.73 -1.95
N SER A 26 6.91 -4.56 -2.68
CA SER A 26 7.05 -5.16 -4.01
C SER A 26 7.17 -6.69 -3.90
N LYS A 27 7.36 -7.17 -2.67
CA LYS A 27 7.48 -8.60 -2.43
C LYS A 27 6.13 -9.22 -2.09
N HIS A 28 5.58 -8.81 -0.95
CA HIS A 28 4.28 -9.32 -0.50
C HIS A 28 3.15 -8.73 -1.33
N LYS A 29 3.44 -7.63 -2.02
CA LYS A 29 2.45 -6.97 -2.85
C LYS A 29 1.22 -6.57 -2.03
N TRP A 30 1.45 -5.73 -1.02
CA TRP A 30 0.36 -5.26 -0.16
C TRP A 30 0.76 -3.99 0.57
N CYS A 31 -0.21 -3.36 1.22
CA CYS A 31 0.04 -2.13 1.96
C CYS A 31 0.53 -2.43 3.37
N LYS A 32 1.85 -2.56 3.52
CA LYS A 32 2.44 -2.86 4.81
C LYS A 32 3.06 -1.60 5.42
N GLY A 33 3.65 -1.75 6.60
CA GLY A 33 4.27 -0.62 7.27
C GLY A 33 5.75 -0.49 6.92
N LYS A 34 6.13 0.68 6.41
CA LYS A 34 7.52 0.93 6.03
C LYS A 34 8.38 1.16 7.27
N LEU A 35 9.32 0.25 7.51
CA LEU A 35 10.21 0.36 8.66
C LEU A 35 11.23 1.47 8.46
#